data_7QLA
#
_entry.id   7QLA
#
_cell.length_a   1.00
_cell.length_b   1.00
_cell.length_c   1.00
_cell.angle_alpha   90.00
_cell.angle_beta   90.00
_cell.angle_gamma   90.00
#
_symmetry.space_group_name_H-M   'P 1'
#
loop_
_entity.id
_entity.type
_entity.pdbx_description
1 polymer 'Vacuolar fusion protein MON1'
2 polymer Ccz1
#
loop_
_entity_poly.entity_id
_entity_poly.type
_entity_poly.pdbx_seq_one_letter_code
_entity_poly.pdbx_strand_id
1 'polypeptide(L)'
;TGTAGDLASLLAGDGLGRKSKAWRVLRAQQQACGEGSGEEGEITEIEGLGLGEGMEGFERELDNIPDTLPDDERLALWKG
KLKHYLILSSAGKPIWSRHGDLSLVNSTMGVVQTIISFYEGARNPLLGFTAGKVRFVILIKGPLYFVAISRLRESDAQLR
AQLEALYMQILSTLTLPILTNIFAHRPSTDLRGPLQGTESLLASLADSFTKGSPSTLLSALECLRLRKSQRQAITNIFLK
SRCEELLYGLLVAGGKLVSVIRPRKHSLHPSDLQLIFNMLFESGGIKGNGGENWIPLCLPAFNNTGYLYMYVSFLDDKAP
DDQNQPPESSNLDASNKNSSNTPDDDLTALILISPSREAFYALQSMRTRLVSQLLSTGYLSLIRSTALSGRPSITSILPK
TPLLHFLYKSRPNVQWCMSSLSSLTPPGATATETLLARRKLMSVYEELHAALHARHAHLRVVYSTADEKEGEGLACLGWS
TPAFEVYCVAPGCVGRAGMAREVNRVVQWARREEERLFILGGGVF
;
A
2 'polypeptide(L)'
;MTTPVSPSPSGIIPAQLGFLAIYNPALGTTDETLEDQIVYYATASTLSQARRRHRRPRRRDRQRAQSVVKDSRPNAAGAT
GDSEAVAEDKDPVSKEERHERLRQIGLAQGMVEFAKSFSDGEPVDTIDTEKARVILVEVEEGWWILASIDLTRLPLPQIK
TPTSSSAPPPAPNLNPLPPEPAYEYSSREVKPPSLLRADLLRAYDLFLLHHGSSLSSLLASQGRAQLVASLTRFWDHFLA
TWNVLLHGNPACDVFGGIKLAASGELGIGVGEEERGSGEREVLEGLVERVEGLVDVVVGRYGGPPSEKGPEEEQWLGLGG
EVGEEDGAVFLGVGALDRKSLRGVVQWMEEVYVWGENAFGKPRRDLSTGHFLLGLSECSEEELTSSQANPKAIFVELKPS
YQHPSRKIPPEDPQPLGKVGPELPRDHTARLRPVIYVSQPFIYILLFSEITPSPSTWPTLAESLHAQLSPLQKPLLHSTS
YRPERPVVETTSSSGTTTQHQIFDLVYDTETLTLQSTIPNIPDPFPYSATTPTGHSTGQQHHQQSIWTRVEALQTHAQIL
AILSSGRAIPTDPSSFTHLPWEEGERTCKTARGWWIVWTRVVEHSPPDAVSLHHARDDDDNDDDASCSVLGHLRSVSSSH
AAGSTSSSSGSGFGLGAIPGLGGLGGWAADGATRLAQGIGIDTRRYVEGLLTSLGR
;
C
#
# COMPACT_ATOMS: atom_id res chain seq x y z
N MET A 55 16.49 10.50 -0.67
CA MET A 55 15.83 11.76 -0.37
C MET A 55 16.85 12.88 -0.17
N GLU A 56 17.68 12.75 0.86
CA GLU A 56 18.69 13.75 1.19
C GLU A 56 20.11 13.26 0.94
N GLY A 57 20.42 12.02 1.28
CA GLY A 57 21.76 11.49 1.10
C GLY A 57 21.94 10.76 -0.21
N PHE A 58 21.05 11.03 -1.17
CA PHE A 58 21.09 10.30 -2.43
C PHE A 58 22.36 10.56 -3.22
N GLU A 59 22.88 11.79 -3.18
CA GLU A 59 24.05 12.12 -4.00
C GLU A 59 25.29 11.34 -3.55
N ARG A 60 25.44 11.12 -2.25
CA ARG A 60 26.50 10.24 -1.77
C ARG A 60 26.08 8.78 -1.72
N GLU A 61 24.83 8.47 -2.06
CA GLU A 61 24.34 7.10 -1.94
C GLU A 61 24.89 6.21 -3.04
N LEU A 62 24.97 6.73 -4.27
CA LEU A 62 25.35 5.90 -5.41
C LEU A 62 26.79 5.40 -5.31
N ASP A 63 27.63 6.06 -4.53
CA ASP A 63 29.02 5.62 -4.40
C ASP A 63 29.09 4.26 -3.71
N ASN A 64 30.12 3.50 -4.05
CA ASN A 64 30.30 2.17 -3.51
C ASN A 64 30.93 2.23 -2.11
N ILE A 65 30.98 1.07 -1.46
CA ILE A 65 31.57 0.96 -0.14
C ILE A 65 33.07 1.24 -0.24
N PRO A 66 33.63 2.12 0.60
CA PRO A 66 35.07 2.43 0.47
C PRO A 66 35.97 1.21 0.64
N ASP A 67 35.60 0.28 1.51
CA ASP A 67 36.41 -0.91 1.80
C ASP A 67 37.82 -0.49 2.22
N THR A 68 37.87 0.52 3.09
CA THR A 68 39.13 0.95 3.68
C THR A 68 38.97 1.33 5.15
N LEU A 69 37.86 0.94 5.78
CA LEU A 69 37.50 1.35 7.12
C LEU A 69 36.96 0.14 7.87
N PRO A 70 36.98 0.17 9.20
CA PRO A 70 36.60 -1.04 9.96
C PRO A 70 35.18 -1.49 9.68
N ASP A 71 34.97 -2.80 9.81
CA ASP A 71 33.71 -3.43 9.41
C ASP A 71 32.52 -2.90 10.21
N ASP A 72 32.75 -2.36 11.41
CA ASP A 72 31.64 -1.91 12.25
C ASP A 72 30.80 -0.85 11.55
N GLU A 73 31.41 0.30 11.25
CA GLU A 73 30.70 1.34 10.53
C GLU A 73 30.58 1.05 9.04
N ARG A 74 31.34 0.09 8.52
CA ARG A 74 31.15 -0.35 7.14
C ARG A 74 29.75 -0.92 6.95
N LEU A 75 29.31 -1.77 7.87
CA LEU A 75 27.94 -2.26 7.82
C LEU A 75 26.94 -1.12 7.97
N ALA A 76 27.24 -0.16 8.85
CA ALA A 76 26.36 0.98 9.05
C ALA A 76 26.20 1.77 7.74
N LEU A 77 27.28 1.92 6.98
CA LEU A 77 27.16 2.56 5.67
C LEU A 77 26.26 1.76 4.75
N TRP A 78 26.44 0.43 4.71
CA TRP A 78 25.52 -0.43 3.98
C TRP A 78 24.15 -0.46 4.61
N LYS A 79 24.06 -0.14 5.90
CA LYS A 79 22.82 -0.35 6.64
C LYS A 79 21.74 0.59 6.15
N GLY A 80 22.09 1.87 5.96
CA GLY A 80 21.15 2.92 5.67
C GLY A 80 21.02 3.35 4.23
N LYS A 81 21.69 2.68 3.29
CA LYS A 81 21.60 3.09 1.90
C LYS A 81 20.18 2.87 1.37
N LEU A 82 19.84 3.66 0.36
CA LEU A 82 18.45 3.78 -0.06
C LEU A 82 17.91 2.47 -0.63
N LYS A 83 18.68 1.82 -1.49
CA LYS A 83 18.20 0.65 -2.22
C LYS A 83 19.17 -0.50 -2.04
N HIS A 84 18.65 -1.72 -2.10
CA HIS A 84 19.46 -2.93 -2.00
C HIS A 84 18.88 -4.03 -2.87
N TYR A 85 19.73 -4.67 -3.67
CA TYR A 85 19.35 -5.83 -4.46
C TYR A 85 20.27 -6.98 -4.09
N LEU A 86 19.68 -8.14 -3.81
CA LEU A 86 20.44 -9.29 -3.32
C LEU A 86 20.03 -10.54 -4.09
N ILE A 87 21.00 -11.47 -4.20
CA ILE A 87 20.77 -12.77 -4.81
C ILE A 87 21.23 -13.82 -3.82
N LEU A 88 20.32 -14.72 -3.45
CA LEU A 88 20.66 -15.80 -2.52
C LEU A 88 20.04 -17.10 -3.02
N SER A 89 20.79 -18.19 -2.89
CA SER A 89 20.37 -19.48 -3.40
C SER A 89 19.32 -20.11 -2.48
N SER A 90 18.71 -21.19 -2.97
CA SER A 90 17.70 -21.89 -2.18
C SER A 90 18.29 -22.43 -0.88
N ALA A 91 19.57 -22.79 -0.88
CA ALA A 91 20.23 -23.23 0.34
C ALA A 91 20.45 -22.10 1.34
N GLY A 92 20.22 -20.84 0.93
CA GLY A 92 20.41 -19.71 1.80
C GLY A 92 21.73 -18.99 1.63
N LYS A 93 22.66 -19.54 0.86
CA LYS A 93 23.93 -18.86 0.63
C LYS A 93 23.70 -17.68 -0.30
N PRO A 94 24.11 -16.46 0.09
CA PRO A 94 23.92 -15.30 -0.78
C PRO A 94 24.89 -15.36 -1.97
N ILE A 95 24.35 -15.18 -3.17
CA ILE A 95 25.17 -15.26 -4.37
C ILE A 95 25.73 -13.90 -4.74
N TRP A 96 24.83 -12.93 -4.98
CA TRP A 96 25.25 -11.59 -5.39
C TRP A 96 24.59 -10.54 -4.51
N SER A 97 25.40 -9.59 -4.06
CA SER A 97 24.92 -8.40 -3.35
C SER A 97 25.51 -7.18 -4.04
N ARG A 98 24.67 -6.20 -4.35
CA ARG A 98 25.12 -5.10 -5.19
C ARG A 98 25.91 -4.08 -4.39
N HIS A 99 25.28 -3.45 -3.39
CA HIS A 99 25.92 -2.41 -2.59
C HIS A 99 26.82 -2.97 -1.51
N GLY A 100 26.86 -4.28 -1.32
CA GLY A 100 27.64 -4.88 -0.26
C GLY A 100 28.48 -6.04 -0.73
N ASP A 101 29.60 -6.24 -0.07
CA ASP A 101 30.43 -7.41 -0.31
C ASP A 101 29.74 -8.66 0.23
N LEU A 102 30.13 -9.81 -0.31
CA LEU A 102 29.54 -11.07 0.15
C LEU A 102 29.86 -11.37 1.60
N SER A 103 30.91 -10.75 2.15
CA SER A 103 31.20 -10.90 3.57
C SER A 103 30.17 -10.19 4.43
N LEU A 104 29.73 -9.02 3.98
CA LEU A 104 28.74 -8.25 4.75
C LEU A 104 27.37 -8.90 4.70
N VAL A 105 26.93 -9.34 3.52
CA VAL A 105 25.55 -9.77 3.35
C VAL A 105 25.28 -11.05 4.14
N ASN A 106 26.21 -12.01 4.10
CA ASN A 106 25.93 -13.35 4.61
C ASN A 106 25.59 -13.33 6.10
N SER A 107 26.32 -12.51 6.87
CA SER A 107 26.04 -12.43 8.30
C SER A 107 24.65 -11.89 8.57
N THR A 108 24.29 -10.78 7.90
CA THR A 108 22.98 -10.17 8.13
C THR A 108 21.86 -10.92 7.42
N MET A 109 22.13 -11.48 6.24
CA MET A 109 21.07 -12.05 5.41
C MET A 109 20.73 -13.48 5.81
N GLY A 110 21.43 -14.06 6.77
CA GLY A 110 21.05 -15.37 7.26
C GLY A 110 19.67 -15.37 7.90
N VAL A 111 19.22 -14.21 8.37
CA VAL A 111 17.88 -14.10 8.94
C VAL A 111 16.83 -14.39 7.86
N VAL A 112 17.01 -13.81 6.67
CA VAL A 112 16.05 -14.02 5.59
C VAL A 112 15.95 -15.50 5.23
N GLN A 113 17.09 -16.17 5.12
CA GLN A 113 17.06 -17.61 4.88
C GLN A 113 16.34 -18.34 6.01
N THR A 114 16.57 -17.92 7.25
CA THR A 114 15.83 -18.48 8.38
C THR A 114 14.34 -18.20 8.26
N ILE A 115 13.98 -16.98 7.84
CA ILE A 115 12.57 -16.63 7.70
C ILE A 115 11.91 -17.48 6.63
N ILE A 116 12.54 -17.57 5.45
CA ILE A 116 11.95 -18.34 4.36
C ILE A 116 11.95 -19.83 4.68
N SER A 117 12.95 -20.30 5.43
CA SER A 117 13.05 -21.73 5.73
C SER A 117 11.81 -22.23 6.47
N PHE A 118 11.34 -21.46 7.45
CA PHE A 118 10.09 -21.81 8.11
C PHE A 118 8.92 -21.75 7.13
N TYR A 119 8.88 -20.70 6.31
CA TYR A 119 7.73 -20.51 5.43
C TYR A 119 7.69 -21.56 4.32
N GLU A 120 8.85 -21.92 3.77
CA GLU A 120 8.86 -22.96 2.74
C GLU A 120 8.47 -24.31 3.33
N GLY A 121 8.83 -24.56 4.59
CA GLY A 121 8.39 -25.78 5.25
C GLY A 121 6.90 -25.81 5.46
N ALA A 122 6.30 -24.66 5.73
CA ALA A 122 4.86 -24.54 5.93
C ALA A 122 4.10 -24.40 4.62
N ARG A 123 4.73 -24.75 3.49
CA ARG A 123 4.10 -24.66 2.18
C ARG A 123 3.63 -23.24 1.88
N ASN A 124 4.40 -22.25 2.33
CA ASN A 124 4.07 -20.83 2.14
C ASN A 124 5.28 -20.09 1.60
N PRO A 125 5.59 -20.23 0.31
CA PRO A 125 6.62 -19.37 -0.29
C PRO A 125 6.34 -17.91 -0.03
N LEU A 126 7.20 -17.28 0.78
CA LEU A 126 6.96 -15.93 1.26
C LEU A 126 6.97 -14.93 0.11
N LEU A 127 6.21 -13.86 0.27
CA LEU A 127 6.02 -12.87 -0.80
C LEU A 127 6.68 -11.53 -0.52
N GLY A 128 6.60 -11.01 0.70
CA GLY A 128 7.24 -9.74 1.00
C GLY A 128 6.89 -9.14 2.35
N PHE A 129 7.76 -8.27 2.85
CA PHE A 129 7.54 -7.57 4.11
C PHE A 129 7.20 -6.11 3.84
N THR A 130 7.06 -5.34 4.92
CA THR A 130 7.04 -3.88 4.90
C THR A 130 7.18 -3.39 6.32
N ALA A 131 7.97 -2.33 6.51
CA ALA A 131 8.26 -1.82 7.85
C ALA A 131 8.55 -0.32 7.74
N GLY A 132 7.55 0.48 8.04
CA GLY A 132 7.74 1.92 8.01
C GLY A 132 8.11 2.40 6.62
N LYS A 133 9.24 3.11 6.53
CA LYS A 133 9.67 3.66 5.25
C LYS A 133 10.22 2.59 4.32
N VAL A 134 10.85 1.56 4.86
CA VAL A 134 11.54 0.56 4.05
C VAL A 134 10.58 -0.57 3.72
N ARG A 135 10.76 -1.17 2.54
CA ARG A 135 9.91 -2.25 2.05
C ARG A 135 10.80 -3.40 1.58
N PHE A 136 10.42 -4.62 1.96
CA PHE A 136 11.15 -5.83 1.58
C PHE A 136 10.30 -6.64 0.61
N VAL A 137 10.90 -7.04 -0.51
CA VAL A 137 10.20 -7.79 -1.55
C VAL A 137 10.97 -9.07 -1.83
N ILE A 138 10.25 -10.19 -1.92
CA ILE A 138 10.84 -11.50 -2.18
C ILE A 138 10.28 -12.02 -3.49
N LEU A 139 11.16 -12.52 -4.35
CA LEU A 139 10.76 -13.12 -5.62
C LEU A 139 11.33 -14.53 -5.72
N ILE A 140 10.50 -15.44 -6.24
CA ILE A 140 10.85 -16.86 -6.35
C ILE A 140 10.98 -17.20 -7.82
N LYS A 141 12.20 -17.59 -8.23
CA LYS A 141 12.46 -18.04 -9.61
C LYS A 141 13.50 -19.15 -9.54
N GLY A 142 13.06 -20.39 -9.62
CA GLY A 142 13.94 -21.53 -9.60
C GLY A 142 14.70 -21.63 -8.28
N PRO A 143 15.88 -22.24 -8.32
CA PRO A 143 16.69 -22.33 -7.09
C PRO A 143 17.09 -20.97 -6.54
N LEU A 144 17.30 -19.98 -7.41
CA LEU A 144 17.66 -18.66 -6.95
C LEU A 144 16.49 -17.97 -6.28
N TYR A 145 16.77 -17.21 -5.22
CA TYR A 145 15.78 -16.39 -4.54
C TYR A 145 16.16 -14.93 -4.72
N PHE A 146 15.20 -14.12 -5.18
CA PHE A 146 15.44 -12.71 -5.47
C PHE A 146 14.78 -11.88 -4.37
N VAL A 147 15.59 -11.07 -3.69
CA VAL A 147 15.11 -10.20 -2.62
C VAL A 147 15.65 -8.79 -2.86
N ALA A 148 14.78 -7.79 -2.70
CA ALA A 148 15.15 -6.40 -2.88
C ALA A 148 14.68 -5.59 -1.68
N ILE A 149 15.55 -4.70 -1.20
CA ILE A 149 15.27 -3.82 -0.07
C ILE A 149 15.19 -2.40 -0.61
N SER A 150 14.06 -1.73 -0.39
CA SER A 150 13.82 -0.40 -0.92
C SER A 150 13.38 0.53 0.20
N ARG A 151 14.06 1.67 0.32
CA ARG A 151 13.65 2.71 1.25
C ARG A 151 12.86 3.83 0.59
N LEU A 152 12.91 3.93 -0.74
CA LEU A 152 12.11 4.91 -1.44
C LEU A 152 10.64 4.49 -1.42
N ARG A 153 9.78 5.42 -1.82
CA ARG A 153 8.33 5.15 -1.86
C ARG A 153 8.01 4.32 -3.11
N GLU A 154 8.50 3.09 -3.09
CA GLU A 154 8.29 2.13 -4.18
C GLU A 154 7.34 1.04 -3.72
N SER A 155 6.37 0.70 -4.56
CA SER A 155 5.44 -0.37 -4.26
C SER A 155 6.07 -1.73 -4.60
N ASP A 156 5.43 -2.79 -4.10
CA ASP A 156 5.95 -4.13 -4.34
C ASP A 156 5.93 -4.48 -5.82
N ALA A 157 4.93 -3.98 -6.56
CA ALA A 157 4.86 -4.25 -7.98
C ALA A 157 6.06 -3.66 -8.71
N GLN A 158 6.51 -2.47 -8.30
CA GLN A 158 7.69 -1.87 -8.90
C GLN A 158 8.92 -2.73 -8.69
N LEU A 159 9.11 -3.25 -7.47
CA LEU A 159 10.27 -4.08 -7.20
C LEU A 159 10.16 -5.43 -7.90
N ARG A 160 8.95 -5.95 -8.06
CA ARG A 160 8.77 -7.21 -8.78
C ARG A 160 9.25 -7.07 -10.22
N ALA A 161 8.90 -5.97 -10.87
CA ALA A 161 9.39 -5.72 -12.23
C ALA A 161 10.90 -5.53 -12.25
N GLN A 162 11.44 -4.77 -11.29
CA GLN A 162 12.88 -4.54 -11.25
C GLN A 162 13.64 -5.83 -10.99
N LEU A 163 13.16 -6.64 -10.05
CA LEU A 163 13.81 -7.92 -9.78
C LEU A 163 13.63 -8.89 -10.94
N GLU A 164 12.51 -8.78 -11.66
CA GLU A 164 12.28 -9.66 -12.81
C GLU A 164 13.31 -9.42 -13.89
N ALA A 165 13.65 -8.15 -14.14
CA ALA A 165 14.68 -7.83 -15.13
C ALA A 165 16.02 -8.40 -14.71
N LEU A 166 16.35 -8.34 -13.43
CA LEU A 166 17.59 -8.94 -12.94
C LEU A 166 17.59 -10.45 -13.18
N TYR A 167 16.46 -11.11 -12.94
CA TYR A 167 16.38 -12.55 -13.21
C TYR A 167 16.57 -12.84 -14.69
N MET A 168 15.98 -12.02 -15.56
CA MET A 168 16.10 -12.25 -16.99
C MET A 168 17.56 -12.19 -17.44
N GLN A 169 18.36 -11.34 -16.80
CA GLN A 169 19.77 -11.27 -17.17
C GLN A 169 20.50 -12.57 -16.87
N ILE A 170 20.21 -13.18 -15.72
CA ILE A 170 20.83 -14.46 -15.39
C ILE A 170 20.40 -15.53 -16.37
N LEU A 171 19.11 -15.57 -16.72
CA LEU A 171 18.62 -16.56 -17.66
C LEU A 171 19.18 -16.31 -19.07
N SER A 172 19.38 -15.04 -19.43
CA SER A 172 19.87 -14.72 -20.76
C SER A 172 21.30 -15.23 -20.99
N THR A 173 22.07 -15.42 -19.93
CA THR A 173 23.43 -15.92 -20.04
C THR A 173 23.52 -17.42 -19.82
N LEU A 174 22.64 -17.99 -19.00
CA LEU A 174 22.59 -19.42 -18.74
C LEU A 174 21.18 -19.91 -19.02
N THR A 175 21.05 -20.81 -19.99
CA THR A 175 19.73 -21.26 -20.42
C THR A 175 19.01 -21.98 -19.29
N LEU A 176 17.70 -22.12 -19.44
CA LEU A 176 16.88 -22.70 -18.37
C LEU A 176 17.29 -24.11 -17.99
N PRO A 177 17.55 -25.04 -18.91
CA PRO A 177 17.97 -26.38 -18.48
C PRO A 177 19.22 -26.39 -17.61
N ILE A 178 20.20 -25.54 -17.91
CA ILE A 178 21.40 -25.48 -17.08
C ILE A 178 21.20 -24.56 -15.88
N LEU A 179 20.25 -23.63 -15.94
CA LEU A 179 20.02 -22.72 -14.84
C LEU A 179 19.63 -23.46 -13.57
N THR A 180 18.72 -24.43 -13.71
CA THR A 180 18.27 -25.18 -12.53
C THR A 180 19.33 -26.16 -12.05
N ASN A 181 20.01 -26.83 -12.98
CA ASN A 181 20.95 -27.88 -12.60
C ASN A 181 22.22 -27.33 -11.98
N ILE A 182 22.65 -26.13 -12.40
CA ILE A 182 23.90 -25.58 -11.87
C ILE A 182 23.78 -25.28 -10.39
N PHE A 183 22.57 -25.00 -9.92
CA PHE A 183 22.37 -24.75 -8.49
C PHE A 183 21.73 -25.96 -7.81
N GLY A 193 32.51 -17.65 -9.43
CA GLY A 193 31.15 -18.03 -9.09
C GLY A 193 30.33 -18.40 -10.30
N PRO A 194 29.06 -18.77 -10.08
CA PRO A 194 28.19 -19.12 -11.21
C PRO A 194 28.01 -17.97 -12.19
N LEU A 195 27.99 -16.73 -11.71
CA LEU A 195 27.80 -15.56 -12.56
C LEU A 195 29.17 -14.96 -12.86
N GLN A 196 29.88 -15.61 -13.79
CA GLN A 196 31.27 -15.23 -14.07
C GLN A 196 31.35 -13.84 -14.68
N GLY A 197 30.59 -13.59 -15.73
CA GLY A 197 30.73 -12.35 -16.48
C GLY A 197 29.60 -11.36 -16.30
N THR A 198 28.57 -11.76 -15.56
CA THR A 198 27.40 -10.90 -15.37
C THR A 198 27.48 -10.05 -14.11
N GLU A 199 28.60 -10.12 -13.38
CA GLU A 199 28.72 -9.33 -12.16
C GLU A 199 28.68 -7.83 -12.46
N SER A 200 29.52 -7.37 -13.38
CA SER A 200 29.47 -5.97 -13.79
C SER A 200 28.18 -5.64 -14.51
N LEU A 201 27.62 -6.60 -15.25
CA LEU A 201 26.35 -6.40 -15.92
C LEU A 201 25.24 -6.13 -14.90
N LEU A 202 25.21 -6.90 -13.81
CA LEU A 202 24.18 -6.73 -12.79
C LEU A 202 24.45 -5.52 -11.91
N ALA A 203 25.73 -5.25 -11.62
CA ALA A 203 26.06 -4.12 -10.76
C ALA A 203 25.67 -2.80 -11.41
N SER A 204 25.94 -2.65 -12.70
CA SER A 204 25.59 -1.41 -13.38
C SER A 204 24.09 -1.31 -13.64
N LEU A 205 23.41 -2.45 -13.82
CA LEU A 205 21.97 -2.42 -14.01
C LEU A 205 21.26 -1.90 -12.77
N ALA A 206 21.73 -2.28 -11.58
CA ALA A 206 21.13 -1.77 -10.36
C ALA A 206 21.38 -0.28 -10.18
N ASP A 207 22.43 0.25 -10.79
CA ASP A 207 22.67 1.69 -10.74
C ASP A 207 21.54 2.44 -11.43
N SER A 208 21.08 1.93 -12.58
CA SER A 208 19.98 2.58 -13.29
C SER A 208 18.71 2.58 -12.46
N PHE A 209 18.42 1.46 -11.79
CA PHE A 209 17.20 1.38 -10.99
C PHE A 209 17.22 2.40 -9.87
N THR A 210 18.37 2.59 -9.23
CA THR A 210 18.49 3.64 -8.22
C THR A 210 18.34 5.02 -8.85
N LYS A 211 18.90 5.21 -10.05
CA LYS A 211 18.79 6.49 -10.75
C LYS A 211 17.37 6.79 -11.21
N GLY A 212 16.49 5.80 -11.23
CA GLY A 212 15.09 6.02 -11.58
C GLY A 212 14.54 5.07 -12.62
N SER A 213 15.32 4.77 -13.65
CA SER A 213 14.94 3.85 -14.73
C SER A 213 13.53 4.10 -15.23
N PRO A 214 13.29 5.18 -15.98
CA PRO A 214 11.95 5.38 -16.54
C PRO A 214 11.54 4.30 -17.52
N SER A 215 12.50 3.53 -18.05
CA SER A 215 12.18 2.47 -18.99
C SER A 215 11.69 1.21 -18.28
N THR A 216 12.53 0.64 -17.41
CA THR A 216 12.19 -0.62 -16.76
C THR A 216 11.01 -0.46 -15.82
N LEU A 217 10.92 0.68 -15.13
CA LEU A 217 9.77 0.94 -14.27
C LEU A 217 8.48 0.97 -15.08
N LEU A 218 8.52 1.57 -16.26
CA LEU A 218 7.38 1.59 -17.17
C LEU A 218 7.31 0.35 -18.05
N SER A 219 8.39 -0.43 -18.13
CA SER A 219 8.46 -1.67 -18.91
C SER A 219 8.15 -1.40 -20.38
N ALA A 220 9.02 -0.60 -21.00
CA ALA A 220 8.89 -0.26 -22.41
C ALA A 220 10.25 0.17 -22.93
N LEU A 221 10.28 0.74 -24.13
CA LEU A 221 11.51 1.19 -24.77
C LEU A 221 11.32 2.58 -25.35
N GLU A 222 12.41 3.34 -25.39
CA GLU A 222 12.39 4.68 -25.91
C GLU A 222 12.45 4.67 -27.44
N CYS A 223 12.20 5.83 -28.04
CA CYS A 223 12.31 6.01 -29.47
C CYS A 223 12.96 7.36 -29.76
N LEU A 224 13.58 7.46 -30.92
CA LEU A 224 14.20 8.70 -31.37
C LEU A 224 13.41 9.29 -32.52
N ARG A 225 13.32 10.62 -32.55
CA ARG A 225 12.42 11.32 -33.44
C ARG A 225 12.88 11.30 -34.89
N LEU A 226 12.41 10.33 -35.66
CA LEU A 226 12.62 10.28 -37.10
C LEU A 226 11.27 10.13 -37.80
N ARG A 227 11.12 10.82 -38.93
CA ARG A 227 9.86 10.80 -39.66
C ARG A 227 9.56 9.41 -40.19
N LYS A 228 8.30 9.19 -40.55
CA LYS A 228 7.87 7.87 -41.01
C LYS A 228 8.61 7.46 -42.27
N SER A 229 8.74 8.37 -43.24
CA SER A 229 9.45 8.03 -44.48
C SER A 229 10.93 7.74 -44.21
N GLN A 230 11.57 8.58 -43.39
CA GLN A 230 12.98 8.37 -43.09
C GLN A 230 13.19 7.07 -42.33
N ARG A 231 12.33 6.79 -41.35
CA ARG A 231 12.43 5.53 -40.62
C ARG A 231 12.17 4.34 -41.54
N GLN A 232 11.20 4.47 -42.44
CA GLN A 232 10.89 3.39 -43.38
C GLN A 232 12.08 3.10 -44.28
N ALA A 233 12.76 4.15 -44.75
CA ALA A 233 13.92 3.96 -45.62
C ALA A 233 15.03 3.20 -44.89
N ILE A 234 15.23 3.50 -43.61
CA ILE A 234 16.24 2.76 -42.84
C ILE A 234 15.87 1.29 -42.75
N THR A 235 14.59 1.01 -42.50
CA THR A 235 14.15 -0.39 -42.43
C THR A 235 14.35 -1.10 -43.75
N ASN A 236 14.02 -0.44 -44.86
CA ASN A 236 14.18 -1.07 -46.17
C ASN A 236 15.64 -1.35 -46.48
N ILE A 237 16.52 -0.40 -46.19
CA ILE A 237 17.95 -0.63 -46.41
C ILE A 237 18.52 -1.60 -45.39
N PHE A 238 17.82 -1.80 -44.28
CA PHE A 238 18.18 -2.81 -43.29
C PHE A 238 17.57 -4.17 -43.62
N LEU A 239 16.72 -4.25 -44.63
CA LEU A 239 16.09 -5.50 -45.03
C LEU A 239 16.60 -6.04 -46.36
N LYS A 240 16.94 -5.16 -47.31
CA LYS A 240 17.53 -5.65 -48.56
C LYS A 240 18.88 -6.30 -48.30
N SER A 241 19.66 -5.74 -47.38
CA SER A 241 20.91 -6.36 -46.94
C SER A 241 20.59 -7.36 -45.84
N ARG A 242 20.09 -8.52 -46.26
CA ARG A 242 19.69 -9.58 -45.36
C ARG A 242 20.35 -10.89 -45.75
N CYS A 243 20.78 -11.65 -44.75
CA CYS A 243 21.26 -13.01 -44.94
C CYS A 243 20.26 -13.99 -44.31
N GLU A 244 20.51 -15.27 -44.54
CA GLU A 244 19.61 -16.32 -44.09
C GLU A 244 19.84 -16.72 -42.63
N GLU A 245 20.49 -15.89 -41.84
CA GLU A 245 20.76 -16.17 -40.44
C GLU A 245 20.49 -14.94 -39.58
N LEU A 246 19.38 -14.24 -39.86
CA LEU A 246 18.94 -13.10 -39.06
C LEU A 246 17.61 -13.47 -38.41
N LEU A 247 17.69 -14.03 -37.20
CA LEU A 247 16.47 -14.41 -36.50
C LEU A 247 15.67 -13.18 -36.09
N TYR A 248 16.38 -12.10 -35.70
CA TYR A 248 15.89 -10.73 -35.76
C TYR A 248 17.04 -9.80 -35.38
N GLY A 249 17.06 -8.61 -35.99
CA GLY A 249 18.12 -7.67 -35.74
C GLY A 249 17.57 -6.31 -35.37
N LEU A 250 18.44 -5.50 -34.75
CA LEU A 250 18.05 -4.20 -34.24
C LEU A 250 19.10 -3.16 -34.60
N LEU A 251 18.65 -1.90 -34.67
CA LEU A 251 19.54 -0.75 -34.81
C LEU A 251 19.16 0.25 -33.72
N VAL A 252 20.14 0.70 -32.95
CA VAL A 252 19.89 1.53 -31.79
C VAL A 252 20.90 2.68 -31.78
N ALA A 253 20.46 3.82 -31.26
CA ALA A 253 21.33 4.99 -31.14
C ALA A 253 21.08 5.63 -29.79
N GLY A 254 22.08 5.61 -28.91
CA GLY A 254 21.96 6.24 -27.61
C GLY A 254 20.93 5.59 -26.72
N GLY A 255 20.68 4.30 -26.89
CA GLY A 255 19.69 3.60 -26.09
C GLY A 255 18.28 3.65 -26.65
N LYS A 256 18.05 4.34 -27.75
CA LYS A 256 16.74 4.46 -28.36
C LYS A 256 16.65 3.59 -29.60
N LEU A 257 15.62 2.73 -29.64
CA LEU A 257 15.45 1.85 -30.78
C LEU A 257 15.18 2.64 -32.05
N VAL A 258 15.80 2.23 -33.15
CA VAL A 258 15.69 2.91 -34.43
C VAL A 258 14.84 2.11 -35.42
N SER A 259 15.15 0.83 -35.59
CA SER A 259 14.44 0.01 -36.56
C SER A 259 14.47 -1.45 -36.13
N VAL A 260 13.53 -2.23 -36.65
CA VAL A 260 13.38 -3.64 -36.33
C VAL A 260 13.18 -4.42 -37.62
N ILE A 261 13.84 -5.57 -37.72
CA ILE A 261 13.68 -6.49 -38.84
C ILE A 261 13.23 -7.83 -38.28
N ARG A 262 12.19 -8.41 -38.89
CA ARG A 262 11.62 -9.65 -38.40
C ARG A 262 11.36 -10.61 -39.54
N PRO A 263 11.48 -11.91 -39.29
CA PRO A 263 11.10 -12.93 -40.27
C PRO A 263 9.59 -13.11 -40.29
N ARG A 264 9.13 -13.94 -41.22
CA ARG A 264 7.70 -14.13 -41.41
C ARG A 264 7.07 -14.84 -40.22
N LYS A 265 7.65 -15.97 -39.81
CA LYS A 265 7.05 -16.80 -38.76
C LYS A 265 7.56 -16.47 -37.37
N HIS A 266 8.86 -16.31 -37.19
CA HIS A 266 9.40 -16.00 -35.87
C HIS A 266 9.00 -14.59 -35.47
N SER A 267 8.59 -14.44 -34.21
CA SER A 267 8.08 -13.17 -33.69
C SER A 267 9.03 -12.63 -32.64
N LEU A 268 9.18 -11.31 -32.62
CA LEU A 268 9.99 -10.63 -31.62
C LEU A 268 9.07 -10.23 -30.47
N HIS A 269 9.05 -11.05 -29.43
CA HIS A 269 8.25 -10.74 -28.25
C HIS A 269 8.81 -9.48 -27.60
N PRO A 270 7.95 -8.51 -27.27
CA PRO A 270 8.46 -7.28 -26.63
C PRO A 270 9.24 -7.53 -25.35
N SER A 271 8.95 -8.63 -24.64
CA SER A 271 9.77 -8.98 -23.48
C SER A 271 11.18 -9.39 -23.89
N ASP A 272 11.38 -9.81 -25.15
CA ASP A 272 12.72 -10.18 -25.60
C ASP A 272 13.60 -8.96 -25.77
N LEU A 273 13.02 -7.85 -26.22
CA LEU A 273 13.81 -6.64 -26.47
C LEU A 273 14.46 -6.13 -25.19
N GLN A 274 13.73 -6.18 -24.07
CA GLN A 274 14.25 -5.66 -22.82
C GLN A 274 15.51 -6.39 -22.38
N LEU A 275 15.71 -7.63 -22.81
CA LEU A 275 16.97 -8.31 -22.53
C LEU A 275 18.13 -7.61 -23.24
N ILE A 276 17.96 -7.32 -24.53
CA ILE A 276 19.05 -6.75 -25.32
C ILE A 276 19.40 -5.35 -24.82
N PHE A 277 18.37 -4.52 -24.57
CA PHE A 277 18.62 -3.14 -24.19
C PHE A 277 19.25 -3.05 -22.80
N ASN A 278 18.75 -3.84 -21.85
CA ASN A 278 19.21 -3.72 -20.47
C ASN A 278 20.69 -4.07 -20.32
N MET A 279 21.13 -5.12 -20.99
CA MET A 279 22.51 -5.58 -20.81
C MET A 279 23.51 -4.80 -21.65
N LEU A 280 23.06 -4.02 -22.62
CA LEU A 280 23.96 -3.33 -23.54
C LEU A 280 23.91 -1.82 -23.41
N PHE A 281 22.71 -1.23 -23.44
CA PHE A 281 22.56 0.21 -23.57
C PHE A 281 22.23 0.91 -22.27
N GLU A 282 21.93 0.15 -21.21
CA GLU A 282 21.62 0.71 -19.91
C GLU A 282 22.68 0.38 -18.86
N SER A 283 23.05 -0.89 -18.75
CA SER A 283 24.01 -1.32 -17.74
C SER A 283 25.43 -1.40 -18.27
N GLY A 284 25.67 -2.27 -19.26
CA GLY A 284 27.03 -2.57 -19.67
C GLY A 284 27.71 -1.49 -20.49
N GLY A 285 26.94 -0.61 -21.13
CA GLY A 285 27.54 0.33 -22.07
C GLY A 285 28.22 -0.38 -23.22
N ILE A 286 27.58 -1.43 -23.75
CA ILE A 286 28.14 -2.30 -24.78
C ILE A 286 29.44 -2.89 -24.21
N LYS A 287 29.35 -3.42 -23.00
CA LYS A 287 30.46 -4.14 -22.35
C LYS A 287 31.74 -3.32 -22.35
N GLY A 288 31.62 -2.05 -21.99
CA GLY A 288 32.77 -1.17 -21.95
C GLY A 288 33.42 -0.96 -23.30
N ASN A 289 32.62 -0.86 -24.36
CA ASN A 289 33.09 -0.64 -25.73
C ASN A 289 33.97 -1.81 -26.11
N GLY A 290 35.22 -1.59 -26.55
CA GLY A 290 36.09 -2.67 -26.95
C GLY A 290 36.01 -3.05 -28.41
N GLY A 291 35.12 -2.44 -29.18
CA GLY A 291 35.00 -2.77 -30.59
C GLY A 291 33.93 -3.80 -30.85
N GLU A 292 34.10 -4.51 -31.96
CA GLU A 292 33.16 -5.57 -32.33
C GLU A 292 33.16 -6.67 -31.29
N ASN A 293 31.97 -7.10 -30.87
CA ASN A 293 31.81 -8.15 -29.88
C ASN A 293 30.83 -9.19 -30.40
N TRP A 294 31.14 -10.46 -30.14
CA TRP A 294 30.31 -11.59 -30.55
C TRP A 294 30.07 -12.44 -29.31
N ILE A 295 28.89 -12.34 -28.72
CA ILE A 295 28.60 -13.00 -27.45
C ILE A 295 27.34 -13.84 -27.56
N PRO A 296 27.22 -14.92 -26.81
CA PRO A 296 26.01 -15.72 -26.84
C PRO A 296 24.88 -15.05 -26.06
N LEU A 297 23.68 -15.59 -26.24
CA LEU A 297 22.49 -15.02 -25.64
C LEU A 297 21.44 -16.11 -25.48
N CYS A 298 20.53 -15.90 -24.53
CA CYS A 298 19.38 -16.78 -24.36
C CYS A 298 18.13 -15.94 -24.24
N LEU A 299 17.08 -16.34 -24.95
CA LEU A 299 15.86 -15.58 -24.96
C LEU A 299 14.72 -16.37 -24.36
N PRO A 300 13.83 -15.75 -23.59
CA PRO A 300 12.68 -16.47 -23.05
C PRO A 300 11.78 -17.05 -24.12
N ALA A 301 11.61 -16.37 -25.25
CA ALA A 301 10.81 -16.93 -26.33
C ALA A 301 11.45 -18.19 -26.90
N PHE A 302 12.75 -18.11 -27.18
CA PHE A 302 13.52 -19.27 -27.62
C PHE A 302 14.20 -19.96 -26.44
N ASN A 303 13.41 -20.29 -25.42
CA ASN A 303 13.96 -20.93 -24.24
C ASN A 303 14.39 -22.36 -24.55
N ASN A 304 14.95 -23.01 -23.53
CA ASN A 304 15.38 -24.43 -23.50
C ASN A 304 16.13 -24.84 -24.77
N THR A 305 16.73 -23.88 -25.45
CA THR A 305 17.58 -24.11 -26.61
C THR A 305 19.01 -23.70 -26.28
N GLY A 306 19.91 -23.97 -27.23
CA GLY A 306 21.28 -23.52 -27.09
C GLY A 306 21.36 -22.00 -27.10
N TYR A 307 22.50 -21.50 -26.63
CA TYR A 307 22.72 -20.06 -26.54
C TYR A 307 22.58 -19.40 -27.90
N LEU A 308 21.53 -18.59 -28.07
CA LEU A 308 21.37 -17.82 -29.29
C LEU A 308 22.50 -16.79 -29.39
N TYR A 309 22.87 -16.44 -30.61
CA TYR A 309 24.07 -15.65 -30.85
C TYR A 309 23.72 -14.26 -31.38
N MET A 310 24.27 -13.24 -30.75
CA MET A 310 23.97 -11.84 -31.04
C MET A 310 25.25 -11.08 -31.35
N TYR A 311 25.19 -10.23 -32.36
CA TYR A 311 26.33 -9.45 -32.83
C TYR A 311 26.11 -7.98 -32.51
N VAL A 312 27.07 -7.37 -31.82
CA VAL A 312 27.01 -5.98 -31.43
C VAL A 312 28.28 -5.27 -31.87
N SER A 313 28.13 -4.09 -32.48
CA SER A 313 29.29 -3.32 -32.93
C SER A 313 28.88 -1.86 -33.07
N PHE A 314 29.82 -0.96 -32.77
CA PHE A 314 29.56 0.47 -32.91
C PHE A 314 29.46 0.85 -34.38
N LEU A 315 28.44 1.63 -34.71
CA LEU A 315 28.26 2.15 -36.05
C LEU A 315 28.80 3.57 -36.11
N ASP A 316 30.13 3.67 -35.99
CA ASP A 316 30.82 4.95 -35.97
C ASP A 316 32.03 4.90 -36.89
N ASP A 317 32.32 6.03 -37.52
CA ASP A 317 33.45 6.14 -38.44
C ASP A 317 34.62 6.86 -37.80
N ASP A 345 23.48 8.92 -26.30
CA ASP A 345 24.73 9.62 -26.60
C ASP A 345 24.97 9.67 -28.10
N ASP A 346 26.15 10.17 -28.48
CA ASP A 346 26.51 10.25 -29.90
C ASP A 346 26.66 8.86 -30.51
N LEU A 347 27.18 7.90 -29.75
CA LEU A 347 27.46 6.58 -30.30
C LEU A 347 26.18 5.90 -30.77
N THR A 348 26.30 5.17 -31.88
CA THR A 348 25.20 4.39 -32.45
C THR A 348 25.67 2.97 -32.62
N ALA A 349 24.89 2.01 -32.14
CA ALA A 349 25.25 0.60 -32.16
C ALA A 349 24.27 -0.20 -33.00
N LEU A 350 24.75 -1.34 -33.48
CA LEU A 350 23.99 -2.20 -34.38
C LEU A 350 23.91 -3.59 -33.77
N ILE A 351 22.71 -4.16 -33.74
CA ILE A 351 22.45 -5.45 -33.11
C ILE A 351 21.93 -6.41 -34.16
N LEU A 352 22.67 -7.50 -34.39
CA LEU A 352 22.25 -8.58 -35.28
C LEU A 352 22.35 -9.90 -34.52
N ILE A 353 21.36 -10.77 -34.72
CA ILE A 353 21.24 -12.01 -33.97
C ILE A 353 21.15 -13.17 -34.95
N SER A 354 21.93 -14.22 -34.70
CA SER A 354 21.92 -15.41 -35.52
C SER A 354 21.84 -16.65 -34.65
N PRO A 355 21.17 -17.71 -35.12
CA PRO A 355 21.08 -18.95 -34.35
C PRO A 355 22.19 -19.96 -34.61
N SER A 356 23.30 -19.56 -35.23
CA SER A 356 24.38 -20.49 -35.57
C SER A 356 25.71 -19.91 -35.11
N ARG A 357 26.64 -20.81 -34.75
CA ARG A 357 27.95 -20.37 -34.28
C ARG A 357 28.78 -19.76 -35.40
N GLU A 358 28.73 -20.34 -36.60
CA GLU A 358 29.63 -19.97 -37.68
C GLU A 358 29.08 -18.87 -38.57
N ALA A 359 28.20 -18.02 -38.06
CA ALA A 359 27.63 -16.93 -38.84
C ALA A 359 28.29 -15.59 -38.56
N PHE A 360 29.35 -15.56 -37.77
CA PHE A 360 29.96 -14.29 -37.40
C PHE A 360 30.53 -13.57 -38.62
N TYR A 361 31.21 -14.30 -39.50
CA TYR A 361 31.82 -13.67 -40.67
C TYR A 361 30.74 -13.10 -41.59
N ALA A 362 29.65 -13.83 -41.79
CA ALA A 362 28.54 -13.30 -42.58
C ALA A 362 27.95 -12.06 -41.93
N LEU A 363 27.76 -12.09 -40.60
CA LEU A 363 27.27 -10.93 -39.89
C LEU A 363 28.29 -9.79 -39.94
N GLN A 364 29.58 -10.10 -39.78
CA GLN A 364 30.60 -9.07 -39.88
C GLN A 364 30.63 -8.46 -41.27
N SER A 365 30.49 -9.30 -42.30
CA SER A 365 30.37 -8.78 -43.65
C SER A 365 29.07 -8.01 -43.84
N MET A 366 28.03 -8.36 -43.07
CA MET A 366 26.76 -7.66 -43.18
C MET A 366 26.88 -6.21 -42.71
N ARG A 367 27.62 -5.97 -41.63
CA ARG A 367 27.82 -4.59 -41.19
C ARG A 367 28.64 -3.80 -42.19
N THR A 368 29.67 -4.42 -42.77
CA THR A 368 30.56 -3.68 -43.67
C THR A 368 29.82 -3.13 -44.87
N ARG A 369 28.93 -3.93 -45.48
CA ARG A 369 28.11 -3.42 -46.56
C ARG A 369 27.04 -2.46 -46.06
N LEU A 370 26.67 -2.55 -44.77
CA LEU A 370 25.66 -1.63 -44.25
C LEU A 370 26.21 -0.24 -44.04
N VAL A 371 27.44 -0.13 -43.51
CA VAL A 371 28.02 1.19 -43.25
C VAL A 371 28.18 1.96 -44.55
N SER A 372 28.61 1.29 -45.62
CA SER A 372 28.84 1.98 -46.88
C SER A 372 27.54 2.59 -47.42
N GLN A 373 26.44 1.84 -47.36
CA GLN A 373 25.19 2.35 -47.89
C GLN A 373 24.61 3.45 -47.01
N LEU A 374 24.73 3.30 -45.68
CA LEU A 374 24.25 4.34 -44.78
C LEU A 374 25.01 5.65 -44.98
N LEU A 375 26.34 5.57 -45.13
CA LEU A 375 27.10 6.77 -45.43
C LEU A 375 26.81 7.30 -46.84
N SER A 376 26.52 6.42 -47.78
CA SER A 376 26.19 6.87 -49.13
C SER A 376 24.93 7.71 -49.14
N THR A 377 23.89 7.27 -48.43
CA THR A 377 22.67 8.04 -48.34
C THR A 377 22.79 9.22 -47.38
N GLY A 378 23.58 9.06 -46.32
CA GLY A 378 23.74 10.10 -45.32
C GLY A 378 22.86 9.94 -44.09
N TYR A 379 22.20 8.80 -43.93
CA TYR A 379 21.31 8.62 -42.78
C TYR A 379 22.10 8.58 -41.47
N LEU A 380 23.28 7.95 -41.48
CA LEU A 380 24.07 7.85 -40.25
C LEU A 380 24.46 9.23 -39.74
N SER A 381 24.82 10.15 -40.64
CA SER A 381 25.08 11.52 -40.22
C SER A 381 23.84 12.17 -39.63
N LEU A 382 22.66 11.81 -40.13
CA LEU A 382 21.42 12.34 -39.57
C LEU A 382 21.14 11.74 -38.21
N ILE A 383 21.48 10.46 -38.00
CA ILE A 383 21.15 9.78 -36.76
C ILE A 383 21.87 10.43 -35.59
N ARG A 384 23.16 10.75 -35.75
CA ARG A 384 23.93 11.34 -34.65
C ARG A 384 23.36 12.68 -34.24
N SER A 385 22.96 13.51 -35.20
CA SER A 385 22.41 14.82 -34.89
C SER A 385 21.13 14.70 -34.09
N THR A 386 20.21 13.83 -34.53
CA THR A 386 18.97 13.63 -33.80
C THR A 386 19.22 13.01 -32.44
N ALA A 387 20.13 12.04 -32.36
CA ALA A 387 20.44 11.41 -31.08
C ALA A 387 21.05 12.41 -30.11
N LEU A 388 21.96 13.26 -30.59
CA LEU A 388 22.58 14.23 -29.72
C LEU A 388 21.57 15.24 -29.18
N SER A 389 20.71 15.76 -30.06
CA SER A 389 19.68 16.71 -29.66
C SER A 389 18.37 16.00 -29.31
N GLY A 390 18.46 15.00 -28.43
CA GLY A 390 17.28 14.29 -27.99
C GLY A 390 16.57 15.03 -26.86
N ARG A 391 15.49 14.42 -26.40
CA ARG A 391 14.68 14.96 -25.31
C ARG A 391 14.20 16.36 -25.68
N PRO A 392 13.25 16.49 -26.60
CA PRO A 392 12.84 17.82 -27.08
C PRO A 392 12.31 18.68 -25.95
N SER A 393 12.62 19.98 -26.02
CA SER A 393 12.17 20.91 -25.00
C SER A 393 10.65 21.00 -24.99
N ILE A 394 10.08 20.97 -23.78
CA ILE A 394 8.62 20.99 -23.65
C ILE A 394 8.05 22.30 -24.16
N THR A 395 8.77 23.41 -23.97
CA THR A 395 8.31 24.70 -24.47
C THR A 395 8.20 24.69 -26.00
N SER A 396 9.20 24.09 -26.66
CA SER A 396 9.13 23.97 -28.12
C SER A 396 8.01 23.01 -28.54
N ILE A 397 7.79 21.95 -27.76
CA ILE A 397 6.70 21.03 -28.05
C ILE A 397 5.36 21.74 -27.91
N LEU A 398 5.20 22.48 -26.82
CA LEU A 398 3.96 23.21 -26.55
C LEU A 398 4.26 24.63 -26.12
N PRO A 399 3.77 25.63 -26.85
CA PRO A 399 4.14 27.02 -26.53
C PRO A 399 3.48 27.52 -25.26
N LYS A 400 4.27 28.25 -24.47
CA LYS A 400 3.79 28.90 -23.25
C LYS A 400 3.12 27.91 -22.29
N THR A 401 3.72 26.73 -22.17
CA THR A 401 3.19 25.70 -21.29
C THR A 401 4.10 25.55 -20.07
N PRO A 402 3.55 25.67 -18.86
CA PRO A 402 4.39 25.60 -17.65
C PRO A 402 4.74 24.18 -17.22
N LEU A 403 4.31 23.16 -17.95
CA LEU A 403 4.59 21.78 -17.56
C LEU A 403 6.09 21.55 -17.50
N LEU A 404 6.58 21.05 -16.37
CA LEU A 404 8.01 20.86 -16.19
C LEU A 404 8.52 19.64 -16.94
N HIS A 405 7.66 18.65 -17.18
CA HIS A 405 8.12 17.38 -17.76
C HIS A 405 6.92 16.71 -18.40
N PHE A 406 7.20 15.70 -19.22
CA PHE A 406 6.19 14.87 -19.84
C PHE A 406 6.64 13.43 -19.86
N LEU A 407 5.67 12.52 -19.94
CA LEU A 407 5.95 11.09 -20.08
C LEU A 407 4.71 10.44 -20.68
N TYR A 408 4.93 9.51 -21.60
CA TYR A 408 3.82 8.92 -22.34
C TYR A 408 4.12 7.45 -22.59
N LYS A 409 3.06 6.69 -22.81
CA LYS A 409 3.20 5.26 -23.12
C LYS A 409 2.03 4.84 -24.00
N SER A 410 2.21 3.72 -24.69
CA SER A 410 1.16 3.11 -25.48
C SER A 410 1.03 1.66 -25.05
N ARG A 411 -0.15 1.28 -24.56
CA ARG A 411 -0.38 -0.11 -24.16
C ARG A 411 -0.23 -1.08 -25.33
N PRO A 412 -0.84 -0.86 -26.50
CA PRO A 412 -0.51 -1.69 -27.66
C PRO A 412 0.69 -1.12 -28.41
N ASN A 413 1.45 -2.02 -29.01
CA ASN A 413 2.73 -1.68 -29.63
C ASN A 413 3.63 -0.96 -28.62
N VAL A 414 3.99 -1.74 -27.59
CA VAL A 414 4.62 -1.22 -26.38
C VAL A 414 5.84 -0.37 -26.73
N GLN A 415 5.77 0.91 -26.43
CA GLN A 415 6.87 1.85 -26.59
C GLN A 415 6.78 2.89 -25.48
N TRP A 416 7.51 3.99 -25.64
CA TRP A 416 7.63 4.95 -24.56
C TRP A 416 8.23 6.24 -25.10
N CYS A 417 7.65 7.37 -24.70
CA CYS A 417 8.11 8.69 -25.10
C CYS A 417 8.46 9.52 -23.87
N MET A 418 9.08 10.66 -24.10
CA MET A 418 9.57 11.50 -23.01
C MET A 418 9.79 12.90 -23.55
N SER A 419 9.96 13.85 -22.65
CA SER A 419 10.25 15.24 -22.99
C SER A 419 11.60 15.62 -22.40
N SER A 420 11.94 16.90 -22.48
CA SER A 420 13.25 17.36 -22.07
C SER A 420 13.48 17.12 -20.59
N LEU A 421 14.73 16.87 -20.23
CA LEU A 421 15.13 16.63 -18.86
C LEU A 421 16.06 17.70 -18.30
N SER A 422 16.84 18.36 -19.16
CA SER A 422 17.74 19.43 -18.74
C SER A 422 17.02 20.77 -18.57
N SER A 423 15.70 20.77 -18.54
CA SER A 423 14.91 21.99 -18.37
C SER A 423 14.62 22.31 -16.92
N LEU A 424 15.15 21.53 -15.98
CA LEU A 424 14.91 21.82 -14.56
C LEU A 424 15.52 23.15 -14.16
N THR A 425 16.79 23.36 -14.51
CA THR A 425 17.45 24.65 -14.29
C THR A 425 18.60 24.82 -15.27
N PRO A 426 18.49 25.76 -16.21
CA PRO A 426 19.57 25.99 -17.18
C PRO A 426 20.89 26.39 -16.51
N PRO A 427 20.89 27.29 -15.52
CA PRO A 427 22.18 27.67 -14.91
C PRO A 427 22.89 26.51 -14.25
N GLY A 428 22.17 25.54 -13.68
CA GLY A 428 22.79 24.40 -13.06
C GLY A 428 23.63 23.59 -14.04
N ALA A 429 24.88 23.31 -13.68
CA ALA A 429 25.77 22.60 -14.58
C ALA A 429 26.46 21.46 -13.86
N THR A 430 26.62 21.57 -12.55
CA THR A 430 27.28 20.52 -11.78
C THR A 430 26.43 19.25 -11.79
N ALA A 431 27.11 18.11 -11.67
CA ALA A 431 26.44 16.82 -11.78
C ALA A 431 25.54 16.52 -10.58
N THR A 432 25.73 17.19 -9.45
CA THR A 432 25.00 16.80 -8.25
C THR A 432 23.53 17.25 -8.31
N GLU A 433 23.26 18.44 -8.85
CA GLU A 433 21.88 18.89 -8.96
C GLU A 433 21.12 18.23 -10.09
N THR A 434 21.80 17.87 -11.19
CA THR A 434 21.12 17.19 -12.27
C THR A 434 20.83 15.72 -11.93
N LEU A 435 21.64 15.12 -11.06
CA LEU A 435 21.34 13.78 -10.59
C LEU A 435 20.13 13.77 -9.66
N LEU A 436 20.10 14.70 -8.70
CA LEU A 436 18.93 14.84 -7.84
C LEU A 436 17.72 15.31 -8.63
N ALA A 437 17.92 16.10 -9.68
CA ALA A 437 16.80 16.51 -10.52
C ALA A 437 16.14 15.28 -11.15
N ARG A 438 16.95 14.35 -11.66
CA ARG A 438 16.39 13.13 -12.22
C ARG A 438 15.71 12.29 -11.14
N ARG A 439 16.44 12.00 -10.05
CA ARG A 439 15.93 11.08 -9.04
C ARG A 439 14.63 11.59 -8.44
N LYS A 440 14.59 12.87 -8.09
CA LYS A 440 13.34 13.46 -7.59
C LYS A 440 12.25 13.41 -8.65
N LEU A 441 12.62 13.62 -9.91
CA LEU A 441 11.63 13.64 -10.99
C LEU A 441 10.94 12.30 -11.12
N MET A 442 11.72 11.21 -11.20
CA MET A 442 11.10 9.89 -11.18
C MET A 442 10.54 9.55 -9.80
N SER A 443 11.10 10.14 -8.73
CA SER A 443 10.50 9.99 -7.42
C SER A 443 9.17 10.72 -7.33
N VAL A 444 8.89 11.64 -8.25
CA VAL A 444 7.54 12.19 -8.36
C VAL A 444 6.59 11.15 -8.97
N TYR A 445 7.06 10.42 -9.98
CA TYR A 445 6.24 9.40 -10.62
C TYR A 445 6.23 8.08 -9.88
N GLU A 446 7.13 7.87 -8.91
CA GLU A 446 7.21 6.56 -8.26
C GLU A 446 5.95 6.26 -7.45
N GLU A 447 5.33 7.28 -6.86
CA GLU A 447 4.05 7.07 -6.20
C GLU A 447 2.92 6.94 -7.20
N LEU A 448 2.98 7.73 -8.28
CA LEU A 448 1.88 7.76 -9.25
C LEU A 448 1.71 6.40 -9.92
N HIS A 449 2.80 5.77 -10.33
CA HIS A 449 2.69 4.48 -10.99
C HIS A 449 2.12 3.44 -10.05
N ALA A 450 2.51 3.49 -8.77
CA ALA A 450 1.92 2.61 -7.78
C ALA A 450 0.43 2.88 -7.61
N ALA A 451 0.05 4.15 -7.61
CA ALA A 451 -1.36 4.51 -7.41
C ALA A 451 -2.22 3.97 -8.54
N LEU A 452 -1.78 4.13 -9.79
CA LEU A 452 -2.55 3.64 -10.92
C LEU A 452 -2.63 2.12 -10.91
N HIS A 453 -1.51 1.44 -10.64
CA HIS A 453 -1.44 -0.02 -10.68
C HIS A 453 -1.56 -0.56 -9.26
N ALA A 454 -2.79 -0.84 -8.85
CA ALA A 454 -3.09 -1.41 -7.55
C ALA A 454 -3.83 -2.73 -7.73
N ARG A 455 -4.23 -3.33 -6.61
CA ARG A 455 -4.88 -4.63 -6.63
C ARG A 455 -6.37 -4.46 -6.91
N HIS A 456 -6.72 -4.49 -8.20
CA HIS A 456 -8.11 -4.38 -8.64
C HIS A 456 -8.78 -3.13 -8.10
N ALA A 457 -8.05 -2.03 -8.10
CA ALA A 457 -8.59 -0.75 -7.63
C ALA A 457 -9.13 0.10 -8.76
N HIS A 458 -8.60 -0.07 -9.98
CA HIS A 458 -9.16 0.55 -11.19
C HIS A 458 -9.17 2.07 -11.11
N LEU A 459 -8.12 2.66 -10.59
CA LEU A 459 -7.96 4.11 -10.68
C LEU A 459 -7.68 4.52 -12.12
N ARG A 460 -8.23 5.67 -12.51
CA ARG A 460 -8.09 6.18 -13.86
C ARG A 460 -7.30 7.48 -13.92
N VAL A 461 -7.65 8.45 -13.08
CA VAL A 461 -6.94 9.73 -13.01
C VAL A 461 -6.50 9.94 -11.57
N VAL A 462 -5.23 10.29 -11.39
CA VAL A 462 -4.67 10.53 -10.06
C VAL A 462 -4.02 11.91 -10.06
N TYR A 463 -4.35 12.71 -9.06
CA TYR A 463 -3.80 14.04 -8.87
C TYR A 463 -3.27 14.15 -7.45
N SER A 464 -2.23 14.94 -7.26
CA SER A 464 -1.61 15.08 -5.95
C SER A 464 -0.94 16.45 -5.86
N THR A 465 -0.29 16.69 -4.74
CA THR A 465 0.44 17.94 -4.52
C THR A 465 1.50 17.71 -3.45
N ALA A 466 2.76 17.71 -3.86
CA ALA A 466 3.88 17.63 -2.92
C ALA A 466 4.42 19.03 -2.62
N ASP A 467 3.54 19.86 -2.06
CA ASP A 467 3.87 21.26 -1.82
C ASP A 467 4.91 21.35 -0.71
N GLU A 468 6.07 21.94 -1.04
CA GLU A 468 7.12 22.12 -0.04
C GLU A 468 6.74 23.23 0.93
N LYS A 469 7.25 23.10 2.16
CA LYS A 469 6.94 24.09 3.19
C LYS A 469 7.45 25.47 2.81
N GLU A 470 8.67 25.55 2.28
CA GLU A 470 9.28 26.82 1.90
C GLU A 470 9.87 26.84 0.50
N GLY A 471 10.27 25.70 -0.05
CA GLY A 471 10.92 25.68 -1.35
C GLY A 471 10.07 26.16 -2.50
N GLU A 472 9.04 25.40 -2.85
CA GLU A 472 8.21 25.72 -4.01
C GLU A 472 6.93 24.91 -3.92
N GLY A 473 5.97 25.26 -4.78
CA GLY A 473 4.69 24.58 -4.82
C GLY A 473 4.64 23.47 -5.86
N LEU A 474 5.71 22.70 -5.97
CA LEU A 474 5.77 21.62 -6.93
C LEU A 474 4.68 20.59 -6.65
N ALA A 475 3.75 20.43 -7.59
CA ALA A 475 2.66 19.49 -7.45
C ALA A 475 2.58 18.61 -8.69
N CYS A 476 2.35 17.32 -8.48
CA CYS A 476 2.34 16.36 -9.57
C CYS A 476 0.96 16.30 -10.23
N LEU A 477 0.85 15.47 -11.26
CA LEU A 477 -0.38 15.28 -12.01
C LEU A 477 -0.49 13.80 -12.32
N GLY A 478 -1.36 13.44 -13.26
CA GLY A 478 -1.47 12.05 -13.66
C GLY A 478 -2.77 11.70 -14.35
N TRP A 479 -2.73 10.71 -15.24
CA TRP A 479 -3.89 10.34 -16.04
C TRP A 479 -3.58 9.00 -16.68
N SER A 480 -4.60 8.31 -17.18
CA SER A 480 -4.40 6.97 -17.70
C SER A 480 -5.54 6.59 -18.64
N THR A 481 -5.41 5.41 -19.25
CA THR A 481 -6.32 4.82 -20.20
C THR A 481 -5.93 3.36 -20.42
N PRO A 482 -6.88 2.45 -20.66
CA PRO A 482 -6.50 1.09 -21.06
C PRO A 482 -5.70 1.03 -22.35
N ALA A 483 -5.76 2.08 -23.18
CA ALA A 483 -5.04 2.09 -24.44
C ALA A 483 -3.72 2.85 -24.38
N PHE A 484 -3.51 3.68 -23.36
CA PHE A 484 -2.28 4.46 -23.26
C PHE A 484 -2.17 5.06 -21.87
N GLU A 485 -0.97 5.53 -21.53
CA GLU A 485 -0.68 6.07 -20.21
C GLU A 485 0.06 7.40 -20.36
N VAL A 486 -0.27 8.36 -19.49
CA VAL A 486 0.28 9.71 -19.57
C VAL A 486 0.66 10.17 -18.17
N TYR A 487 1.83 10.80 -18.07
CA TYR A 487 2.29 11.39 -16.81
C TYR A 487 2.63 12.85 -17.04
N CYS A 488 2.49 13.66 -15.99
CA CYS A 488 2.70 15.08 -16.10
C CYS A 488 3.22 15.65 -14.78
N VAL A 489 3.89 16.79 -14.86
CA VAL A 489 4.37 17.53 -13.70
C VAL A 489 4.17 19.01 -13.95
N ALA A 490 3.63 19.72 -12.96
CA ALA A 490 3.21 21.11 -13.09
C ALA A 490 3.85 21.96 -12.00
N PRO A 491 4.00 23.27 -12.25
CA PRO A 491 4.54 24.16 -11.22
C PRO A 491 3.49 24.56 -10.20
N GLY A 492 3.84 25.55 -9.35
CA GLY A 492 2.94 25.95 -8.26
C GLY A 492 1.54 26.33 -8.71
N CYS A 493 1.41 26.85 -9.92
CA CYS A 493 0.08 27.07 -10.50
C CYS A 493 -0.55 25.72 -10.80
N VAL A 494 -1.53 25.33 -9.99
CA VAL A 494 -2.03 23.97 -9.96
C VAL A 494 -3.54 23.98 -10.17
N GLY A 495 -4.14 22.80 -10.05
CA GLY A 495 -5.57 22.62 -10.20
C GLY A 495 -5.90 21.60 -11.27
N ARG A 496 -7.16 21.16 -11.25
CA ARG A 496 -7.64 20.28 -12.31
C ARG A 496 -7.55 20.96 -13.66
N ALA A 497 -7.95 22.23 -13.73
CA ALA A 497 -7.71 23.01 -14.94
C ALA A 497 -6.24 23.28 -15.17
N GLY A 498 -5.41 23.13 -14.14
CA GLY A 498 -3.97 23.27 -14.30
C GLY A 498 -3.34 22.18 -15.13
N MET A 499 -4.03 21.04 -15.28
CA MET A 499 -3.54 19.94 -16.10
C MET A 499 -4.47 19.63 -17.26
N ALA A 500 -5.79 19.62 -17.03
CA ALA A 500 -6.73 19.30 -18.10
C ALA A 500 -6.68 20.30 -19.23
N ARG A 501 -6.21 21.53 -18.97
CA ARG A 501 -6.03 22.48 -20.05
C ARG A 501 -4.95 22.04 -21.03
N GLU A 502 -4.05 21.16 -20.58
CA GLU A 502 -2.96 20.69 -21.42
C GLU A 502 -2.94 19.18 -21.63
N VAL A 503 -3.34 18.38 -20.64
CA VAL A 503 -3.24 16.93 -20.76
C VAL A 503 -4.07 16.41 -21.92
N ASN A 504 -5.25 17.02 -22.14
CA ASN A 504 -6.09 16.58 -23.24
C ASN A 504 -5.43 16.80 -24.60
N ARG A 505 -4.43 17.68 -24.69
CA ARG A 505 -3.76 17.91 -25.96
C ARG A 505 -2.33 17.35 -26.01
N VAL A 506 -1.71 17.06 -24.86
CA VAL A 506 -0.44 16.34 -24.90
C VAL A 506 -0.64 14.94 -25.44
N VAL A 507 -1.80 14.33 -25.18
CA VAL A 507 -2.14 13.07 -25.83
C VAL A 507 -2.29 13.27 -27.33
N GLN A 508 -2.92 14.37 -27.74
CA GLN A 508 -3.08 14.65 -29.16
C GLN A 508 -1.73 14.84 -29.84
N TRP A 509 -0.80 15.53 -29.17
CA TRP A 509 0.55 15.68 -29.72
C TRP A 509 1.21 14.33 -29.89
N ALA A 510 1.10 13.46 -28.87
CA ALA A 510 1.61 12.10 -29.01
C ALA A 510 0.86 11.35 -30.11
N ARG A 511 -0.45 11.52 -30.18
CA ARG A 511 -1.22 10.90 -31.25
C ARG A 511 -0.87 11.50 -32.60
N ARG A 512 -0.65 12.82 -32.66
CA ARG A 512 -0.22 13.44 -33.90
C ARG A 512 1.17 12.96 -34.30
N GLU A 513 2.07 12.83 -33.34
CA GLU A 513 3.44 12.40 -33.58
C GLU A 513 3.66 10.93 -33.25
N GLU A 514 2.64 10.08 -33.47
CA GLU A 514 2.79 8.68 -33.11
C GLU A 514 3.65 7.92 -34.14
N GLU A 515 3.52 8.27 -35.42
CA GLU A 515 4.27 7.55 -36.44
C GLU A 515 5.76 7.83 -36.34
N ARG A 516 6.14 9.03 -35.93
CA ARG A 516 7.54 9.40 -35.80
C ARG A 516 8.09 9.15 -34.40
N LEU A 517 7.30 8.56 -33.50
CA LEU A 517 7.75 8.27 -32.16
C LEU A 517 7.48 6.85 -31.70
N PHE A 518 6.81 6.03 -32.49
CA PHE A 518 6.48 4.67 -32.10
C PHE A 518 6.49 3.77 -33.32
N ILE A 519 7.07 2.58 -33.16
CA ILE A 519 7.19 1.61 -34.24
C ILE A 519 6.03 0.63 -34.15
N LEU A 520 5.21 0.58 -35.20
CA LEU A 520 4.11 -0.38 -35.23
C LEU A 520 4.62 -1.79 -35.43
N GLY A 521 5.62 -1.96 -36.30
CA GLY A 521 6.15 -3.28 -36.57
C GLY A 521 7.42 -3.18 -37.39
N GLY A 522 8.04 -4.34 -37.59
CA GLY A 522 9.28 -4.40 -38.34
C GLY A 522 9.09 -4.46 -39.84
N GLY A 523 9.80 -5.37 -40.50
CA GLY A 523 9.70 -5.53 -41.93
C GLY A 523 9.26 -6.92 -42.36
N GLY B 11 -17.98 -24.06 -4.36
CA GLY B 11 -16.97 -24.58 -3.46
C GLY B 11 -15.99 -23.54 -2.98
N ILE B 12 -16.41 -22.28 -3.02
CA ILE B 12 -15.56 -21.17 -2.59
C ILE B 12 -15.45 -21.22 -1.07
N ILE B 13 -14.21 -21.25 -0.57
CA ILE B 13 -13.95 -21.25 0.87
C ILE B 13 -13.84 -19.79 1.31
N PRO B 14 -14.67 -19.33 2.25
CA PRO B 14 -14.59 -17.93 2.68
C PRO B 14 -13.27 -17.65 3.39
N ALA B 15 -12.85 -16.38 3.32
CA ALA B 15 -11.59 -15.97 3.93
C ALA B 15 -11.75 -15.89 5.44
N GLN B 16 -11.68 -17.02 6.11
CA GLN B 16 -11.81 -17.07 7.56
C GLN B 16 -10.47 -16.72 8.21
N LEU B 17 -10.56 -16.24 9.45
CA LEU B 17 -9.35 -15.93 10.20
C LEU B 17 -8.54 -17.18 10.47
N GLY B 18 -7.22 -17.02 10.45
CA GLY B 18 -6.33 -18.12 10.74
C GLY B 18 -6.03 -18.20 12.21
N PHE B 19 -4.78 -17.94 12.59
CA PHE B 19 -4.39 -17.90 14.00
C PHE B 19 -4.04 -16.46 14.38
N LEU B 20 -4.48 -16.06 15.57
CA LEU B 20 -4.14 -14.76 16.13
C LEU B 20 -3.50 -14.98 17.49
N ALA B 21 -2.39 -14.30 17.73
CA ALA B 21 -1.59 -14.53 18.92
C ALA B 21 -1.28 -13.21 19.62
N ILE B 22 -1.23 -13.27 20.95
CA ILE B 22 -0.80 -12.16 21.79
C ILE B 22 0.42 -12.62 22.56
N TYR B 23 1.55 -11.95 22.34
CA TYR B 23 2.78 -12.36 23.00
C TYR B 23 3.56 -11.14 23.45
N ASN B 24 4.27 -11.30 24.56
CA ASN B 24 5.20 -10.29 25.05
C ASN B 24 6.62 -10.82 24.88
N PRO B 25 7.42 -10.26 23.98
CA PRO B 25 8.79 -10.78 23.80
C PRO B 25 9.64 -10.71 25.06
N ALA B 26 9.38 -9.76 25.95
CA ALA B 26 10.16 -9.61 27.17
C ALA B 26 9.66 -10.47 28.32
N LEU B 27 8.60 -11.26 28.10
CA LEU B 27 8.09 -12.10 29.17
C LEU B 27 9.10 -13.17 29.58
N GLY B 28 9.66 -13.88 28.59
CA GLY B 28 10.58 -14.96 28.88
C GLY B 28 11.95 -14.78 28.24
N THR B 29 12.97 -14.60 29.07
CA THR B 29 14.34 -14.45 28.60
C THR B 29 15.12 -15.76 28.59
N THR B 30 14.46 -16.88 28.90
CA THR B 30 15.10 -18.19 28.90
C THR B 30 14.21 -19.17 28.16
N ASP B 31 14.81 -20.29 27.74
CA ASP B 31 14.08 -21.27 26.95
C ASP B 31 12.89 -21.85 27.73
N GLU B 32 13.08 -22.14 29.01
CA GLU B 32 11.99 -22.65 29.81
C GLU B 32 10.87 -21.63 29.97
N THR B 33 11.22 -20.34 29.98
CA THR B 33 10.24 -19.27 30.05
C THR B 33 9.84 -18.75 28.67
N LEU B 34 10.46 -19.23 27.60
CA LEU B 34 10.12 -18.79 26.26
C LEU B 34 8.81 -19.41 25.78
N GLU B 35 8.43 -20.57 26.30
CA GLU B 35 7.15 -21.17 25.93
C GLU B 35 5.98 -20.29 26.33
N ASP B 36 6.13 -19.52 27.40
CA ASP B 36 5.04 -18.74 27.97
C ASP B 36 4.92 -17.34 27.36
N GLN B 37 5.70 -17.03 26.33
CA GLN B 37 5.59 -15.72 25.71
C GLN B 37 4.19 -15.49 25.15
N ILE B 38 3.63 -16.51 24.49
CA ILE B 38 2.23 -16.41 24.07
C ILE B 38 1.35 -16.24 25.30
N VAL B 39 0.40 -15.32 25.19
CA VAL B 39 -0.59 -15.08 26.24
C VAL B 39 -1.97 -15.58 25.79
N TYR B 40 -2.38 -15.22 24.59
CA TYR B 40 -3.63 -15.70 24.02
C TYR B 40 -3.36 -16.21 22.61
N TYR B 41 -3.95 -17.37 22.29
CA TYR B 41 -3.80 -17.97 20.97
C TYR B 41 -5.17 -18.40 20.47
N ALA B 42 -5.39 -18.25 19.17
CA ALA B 42 -6.65 -18.61 18.55
C ALA B 42 -6.40 -19.44 17.30
N THR B 43 -7.38 -20.28 16.96
CA THR B 43 -7.33 -21.11 15.77
C THR B 43 -8.74 -21.24 15.21
N ALA B 44 -8.82 -21.78 14.00
CA ALA B 44 -10.13 -22.04 13.40
C ALA B 44 -10.91 -23.05 14.21
N SER B 45 -10.24 -24.08 14.73
CA SER B 45 -10.90 -25.05 15.60
C SER B 45 -11.39 -24.40 16.89
N THR B 46 -10.57 -23.51 17.46
CA THR B 46 -10.97 -22.83 18.69
C THR B 46 -12.19 -21.95 18.46
N LEU B 47 -12.27 -21.30 17.29
CA LEU B 47 -13.42 -20.47 16.98
C LEU B 47 -14.71 -21.28 16.90
N SER B 48 -14.61 -22.57 16.61
CA SER B 48 -15.80 -23.38 16.38
C SER B 48 -16.66 -23.46 17.65
N GLN B 49 -16.04 -23.61 18.81
CA GLN B 49 -16.80 -23.69 20.06
C GLN B 49 -17.55 -22.39 20.32
N ALA B 50 -16.92 -21.26 20.09
CA ALA B 50 -17.57 -19.97 20.33
C ALA B 50 -18.51 -19.58 19.19
N ARG B 51 -18.27 -20.09 17.98
CA ARG B 51 -19.09 -19.69 16.84
C ARG B 51 -20.54 -20.14 17.02
N ARG B 52 -20.74 -21.35 17.55
CA ARG B 52 -22.10 -21.84 17.76
C ARG B 52 -22.84 -21.03 18.82
N ARG B 53 -22.10 -20.36 19.72
CA ARG B 53 -22.74 -19.54 20.74
C ARG B 53 -23.35 -18.28 20.15
N HIS B 54 -22.74 -17.73 19.11
CA HIS B 54 -23.23 -16.49 18.51
C HIS B 54 -23.90 -16.77 17.17
N SER B 94 -1.48 -33.36 19.54
CA SER B 94 -1.77 -32.10 20.23
C SER B 94 -0.48 -31.41 20.65
N LYS B 95 0.47 -32.21 21.14
CA LYS B 95 1.76 -31.65 21.56
C LYS B 95 2.50 -31.06 20.36
N GLU B 96 2.46 -31.75 19.22
CA GLU B 96 3.08 -31.20 18.01
C GLU B 96 2.37 -29.95 17.54
N GLU B 97 1.07 -29.82 17.81
CA GLU B 97 0.37 -28.59 17.50
C GLU B 97 0.92 -27.43 18.31
N ARG B 98 1.29 -27.69 19.57
CA ARG B 98 1.89 -26.64 20.40
C ARG B 98 3.26 -26.21 19.87
N HIS B 99 4.02 -27.14 19.27
CA HIS B 99 5.33 -26.78 18.75
C HIS B 99 5.23 -25.75 17.64
N GLU B 100 4.26 -25.90 16.74
CA GLU B 100 4.11 -24.95 15.64
C GLU B 100 3.71 -23.57 16.16
N ARG B 101 2.94 -23.51 17.24
CA ARG B 101 2.50 -22.23 17.79
C ARG B 101 3.70 -21.40 18.24
N LEU B 102 4.55 -21.98 19.08
CA LEU B 102 5.68 -21.23 19.62
C LEU B 102 6.72 -20.94 18.57
N ARG B 103 6.90 -21.84 17.61
CA ARG B 103 7.93 -21.64 16.59
C ARG B 103 7.62 -20.46 15.68
N GLN B 104 6.35 -20.27 15.35
CA GLN B 104 6.00 -19.28 14.33
C GLN B 104 6.14 -17.86 14.84
N ILE B 105 5.89 -17.64 16.15
CA ILE B 105 6.13 -16.31 16.69
C ILE B 105 7.62 -16.03 16.81
N GLY B 106 8.46 -17.07 16.81
CA GLY B 106 9.89 -16.87 16.89
C GLY B 106 10.42 -16.05 15.73
N LEU B 107 9.86 -16.27 14.54
CA LEU B 107 10.22 -15.45 13.39
C LEU B 107 9.82 -14.00 13.60
N ALA B 108 8.67 -13.76 14.24
CA ALA B 108 8.19 -12.39 14.43
C ALA B 108 9.18 -11.57 15.25
N GLN B 109 9.69 -12.14 16.35
CA GLN B 109 10.73 -11.43 17.10
C GLN B 109 12.00 -11.30 16.27
N GLY B 110 12.30 -12.26 15.40
CA GLY B 110 13.39 -12.10 14.48
C GLY B 110 13.11 -11.03 13.43
N MET B 111 11.88 -11.00 12.91
CA MET B 111 11.54 -10.05 11.87
C MET B 111 11.62 -8.61 12.38
N VAL B 112 11.09 -8.36 13.58
CA VAL B 112 11.09 -7.00 14.11
C VAL B 112 12.53 -6.54 14.38
N GLU B 113 13.35 -7.43 14.93
CA GLU B 113 14.75 -7.07 15.17
C GLU B 113 15.49 -6.83 13.86
N PHE B 114 15.14 -7.60 12.82
CA PHE B 114 15.82 -7.47 11.54
C PHE B 114 15.58 -6.09 10.93
N ALA B 115 14.30 -5.70 10.82
CA ALA B 115 13.97 -4.45 10.15
C ALA B 115 14.14 -3.23 11.03
N LYS B 116 14.25 -3.42 12.35
CA LYS B 116 14.46 -2.29 13.25
C LYS B 116 15.76 -1.56 12.94
N SER B 117 16.75 -2.29 12.43
CA SER B 117 18.08 -1.73 12.21
C SER B 117 18.22 -1.04 10.86
N PHE B 118 17.37 -1.35 9.88
CA PHE B 118 17.42 -0.64 8.61
C PHE B 118 16.89 0.79 8.74
N SER B 119 15.59 0.93 8.99
CA SER B 119 14.93 2.21 8.85
C SER B 119 14.56 2.86 10.18
N ASP B 120 14.93 2.25 11.31
CA ASP B 120 14.65 2.74 12.66
C ASP B 120 13.15 2.55 12.92
N GLY B 121 12.40 2.19 11.87
CA GLY B 121 11.01 1.86 12.03
C GLY B 121 10.88 0.53 12.76
N GLU B 122 10.40 0.57 14.01
CA GLU B 122 10.45 -0.63 14.85
C GLU B 122 9.65 -1.80 14.28
N PRO B 123 8.37 -1.66 13.91
CA PRO B 123 7.59 -2.85 13.58
C PRO B 123 7.57 -3.20 12.11
N VAL B 124 7.57 -4.51 11.85
CA VAL B 124 7.23 -5.03 10.52
C VAL B 124 5.72 -5.22 10.52
N ASP B 125 5.01 -4.13 10.22
CA ASP B 125 3.57 -4.09 10.46
C ASP B 125 2.82 -5.14 9.65
N THR B 126 3.20 -5.36 8.40
CA THR B 126 2.50 -6.30 7.53
C THR B 126 3.47 -7.30 6.95
N ILE B 127 3.12 -8.58 7.04
CA ILE B 127 3.88 -9.66 6.42
C ILE B 127 3.00 -10.25 5.32
N ASP B 128 3.47 -10.18 4.09
CA ASP B 128 2.69 -10.57 2.92
C ASP B 128 3.06 -11.97 2.48
N THR B 129 2.08 -12.86 2.43
CA THR B 129 2.27 -14.21 1.91
C THR B 129 1.19 -14.48 0.86
N GLU B 130 1.07 -15.73 0.41
CA GLU B 130 0.05 -16.06 -0.57
C GLU B 130 -1.16 -16.76 0.04
N LYS B 131 -1.00 -17.47 1.14
CA LYS B 131 -2.14 -18.12 1.78
C LYS B 131 -2.73 -17.28 2.91
N ALA B 132 -1.89 -16.71 3.77
CA ALA B 132 -2.35 -15.99 4.95
C ALA B 132 -1.68 -14.63 4.99
N ARG B 133 -2.48 -13.57 4.90
CA ARG B 133 -1.96 -12.22 5.10
C ARG B 133 -1.73 -11.99 6.58
N VAL B 134 -0.48 -11.72 6.96
CA VAL B 134 -0.09 -11.63 8.36
C VAL B 134 0.18 -10.16 8.67
N ILE B 135 -0.40 -9.68 9.78
CA ILE B 135 -0.20 -8.32 10.25
C ILE B 135 0.44 -8.37 11.63
N LEU B 136 1.12 -7.28 11.98
CA LEU B 136 1.77 -7.15 13.26
C LEU B 136 1.58 -5.72 13.76
N VAL B 137 1.09 -5.58 15.00
CA VAL B 137 0.81 -4.29 15.59
C VAL B 137 1.37 -4.25 17.00
N GLU B 138 2.06 -3.17 17.33
CA GLU B 138 2.49 -2.89 18.69
C GLU B 138 1.39 -2.11 19.39
N VAL B 139 0.77 -2.72 20.40
CA VAL B 139 -0.33 -2.05 21.07
C VAL B 139 0.17 -1.06 22.11
N GLU B 140 1.05 -1.49 23.01
CA GLU B 140 1.55 -0.60 24.05
C GLU B 140 2.91 -1.10 24.54
N GLU B 141 3.98 -0.51 24.00
CA GLU B 141 5.33 -0.59 24.56
C GLU B 141 5.71 -2.04 24.93
N GLY B 142 5.80 -2.86 23.89
CA GLY B 142 6.34 -4.20 24.01
C GLY B 142 5.33 -5.31 23.86
N TRP B 143 4.05 -5.01 23.88
CA TRP B 143 3.03 -6.03 23.66
C TRP B 143 2.64 -6.03 22.19
N TRP B 144 2.63 -7.21 21.58
CA TRP B 144 2.41 -7.33 20.14
C TRP B 144 1.24 -8.27 19.88
N ILE B 145 0.39 -7.89 18.93
CA ILE B 145 -0.68 -8.74 18.45
C ILE B 145 -0.33 -9.18 17.04
N LEU B 146 -0.32 -10.48 16.81
CA LEU B 146 -0.01 -11.06 15.51
C LEU B 146 -1.25 -11.74 14.98
N ALA B 147 -1.69 -11.35 13.79
CA ALA B 147 -2.86 -11.92 13.16
C ALA B 147 -2.49 -12.45 11.78
N SER B 148 -3.18 -13.51 11.35
CA SER B 148 -2.91 -14.18 10.09
C SER B 148 -4.26 -14.41 9.40
N ILE B 149 -4.59 -13.53 8.46
CA ILE B 149 -5.86 -13.62 7.75
C ILE B 149 -5.68 -14.57 6.57
N ASP B 150 -6.24 -15.77 6.70
CA ASP B 150 -6.20 -16.71 5.59
C ASP B 150 -6.96 -16.15 4.40
N LEU B 151 -6.31 -16.15 3.23
CA LEU B 151 -6.90 -15.53 2.06
C LEU B 151 -8.12 -16.31 1.59
N THR B 152 -8.84 -15.70 0.64
CA THR B 152 -10.04 -16.32 0.10
C THR B 152 -9.65 -17.50 -0.77
N ARG B 153 -9.66 -18.70 -0.18
CA ARG B 153 -9.35 -19.90 -0.94
C ARG B 153 -10.42 -20.11 -2.00
N LEU B 154 -10.00 -20.14 -3.26
CA LEU B 154 -10.90 -20.29 -4.40
C LEU B 154 -10.39 -21.45 -5.24
N PRO B 155 -10.72 -22.69 -4.86
CA PRO B 155 -10.32 -23.86 -5.64
C PRO B 155 -10.97 -23.88 -7.02
N PRO B 181 -10.02 -22.87 -12.88
CA PRO B 181 -9.00 -22.81 -11.81
C PRO B 181 -9.28 -23.81 -10.70
N ALA B 182 -8.46 -24.86 -10.63
CA ALA B 182 -8.65 -25.88 -9.62
C ALA B 182 -8.17 -25.45 -8.24
N TYR B 183 -7.25 -24.47 -8.18
CA TYR B 183 -6.72 -24.03 -6.89
C TYR B 183 -6.18 -22.61 -7.08
N GLU B 184 -6.95 -21.61 -6.64
CA GLU B 184 -6.61 -20.21 -6.86
C GLU B 184 -6.84 -19.41 -5.58
N TYR B 185 -6.13 -18.29 -5.48
CA TYR B 185 -6.22 -17.39 -4.34
C TYR B 185 -6.61 -16.00 -4.79
N SER B 186 -7.23 -15.25 -3.90
CA SER B 186 -7.61 -13.87 -4.19
C SER B 186 -7.80 -13.11 -2.88
N SER B 187 -7.74 -11.79 -2.98
CA SER B 187 -7.99 -10.90 -1.85
C SER B 187 -8.87 -9.73 -2.31
N ARG B 188 -9.80 -10.01 -3.22
CA ARG B 188 -10.64 -8.96 -3.76
C ARG B 188 -11.53 -8.35 -2.68
N GLU B 189 -11.96 -9.16 -1.72
CA GLU B 189 -12.83 -8.69 -0.65
C GLU B 189 -12.24 -8.88 0.74
N VAL B 190 -11.01 -9.38 0.85
CA VAL B 190 -10.39 -9.53 2.16
C VAL B 190 -10.12 -8.16 2.76
N LYS B 191 -10.32 -8.05 4.06
CA LYS B 191 -10.22 -6.77 4.74
C LYS B 191 -8.79 -6.27 4.70
N PRO B 192 -8.52 -5.09 4.13
CA PRO B 192 -7.12 -4.69 3.92
C PRO B 192 -6.45 -4.38 5.24
N PRO B 193 -5.14 -4.61 5.35
CA PRO B 193 -4.45 -4.44 6.64
C PRO B 193 -4.36 -2.99 7.10
N SER B 194 -4.80 -2.03 6.29
CA SER B 194 -4.75 -0.64 6.72
C SER B 194 -5.68 -0.35 7.89
N LEU B 195 -6.76 -1.13 8.02
CA LEU B 195 -7.74 -0.87 9.06
C LEU B 195 -7.76 -1.92 10.17
N LEU B 196 -7.17 -3.10 9.94
CA LEU B 196 -7.07 -4.05 11.04
C LEU B 196 -6.20 -3.52 12.17
N ARG B 197 -5.13 -2.82 11.83
CA ARG B 197 -4.38 -2.10 12.85
C ARG B 197 -5.28 -1.13 13.59
N ALA B 198 -6.19 -0.47 12.87
CA ALA B 198 -7.21 0.34 13.53
C ALA B 198 -8.23 -0.54 14.24
N ASP B 199 -8.55 -1.70 13.66
CA ASP B 199 -9.52 -2.59 14.29
C ASP B 199 -8.94 -3.24 15.54
N LEU B 200 -7.72 -3.76 15.46
CA LEU B 200 -7.10 -4.39 16.61
C LEU B 200 -6.86 -3.38 17.73
N LEU B 201 -6.39 -2.17 17.37
CA LEU B 201 -6.25 -1.12 18.38
C LEU B 201 -7.61 -0.72 18.95
N ARG B 202 -8.67 -0.79 18.14
CA ARG B 202 -10.01 -0.54 18.67
C ARG B 202 -10.38 -1.59 19.71
N ALA B 203 -10.24 -2.87 19.37
CA ALA B 203 -10.57 -3.93 20.31
C ALA B 203 -9.67 -3.89 21.54
N TYR B 204 -8.38 -3.65 21.33
CA TYR B 204 -7.46 -3.56 22.47
C TYR B 204 -7.83 -2.38 23.37
N ASP B 205 -8.12 -1.22 22.78
CA ASP B 205 -8.59 -0.09 23.57
C ASP B 205 -9.96 -0.40 24.17
N LEU B 206 -10.81 -1.11 23.42
CA LEU B 206 -12.07 -1.57 23.98
C LEU B 206 -11.84 -2.55 25.13
N PHE B 207 -10.85 -3.43 24.98
CA PHE B 207 -10.53 -4.35 26.08
C PHE B 207 -10.01 -3.61 27.28
N LEU B 208 -9.14 -2.61 27.07
CA LEU B 208 -8.62 -1.83 28.18
C LEU B 208 -9.70 -1.03 28.89
N LEU B 209 -10.83 -0.81 28.23
CA LEU B 209 -11.94 -0.12 28.88
C LEU B 209 -12.63 -0.98 29.93
N HIS B 210 -12.42 -2.29 29.90
CA HIS B 210 -13.04 -3.20 30.86
C HIS B 210 -12.10 -3.71 31.93
N HIS B 211 -10.79 -3.71 31.68
CA HIS B 211 -9.81 -4.24 32.64
C HIS B 211 -8.64 -3.28 32.73
N GLY B 212 -8.52 -2.60 33.87
CA GLY B 212 -7.36 -1.79 34.15
C GLY B 212 -7.19 -0.58 33.26
N SER B 213 -6.27 0.32 33.61
CA SER B 213 -6.03 1.51 32.81
C SER B 213 -5.18 1.17 31.58
N SER B 214 -4.01 0.59 31.80
CA SER B 214 -3.11 0.19 30.73
C SER B 214 -2.79 -1.29 30.86
N LEU B 215 -2.60 -1.95 29.73
CA LEU B 215 -2.40 -3.39 29.73
C LEU B 215 -1.12 -3.77 30.44
N SER B 216 -0.07 -2.96 30.29
CA SER B 216 1.18 -3.23 31.00
C SER B 216 0.99 -3.15 32.51
N SER B 217 0.26 -2.13 32.98
CA SER B 217 -0.02 -2.04 34.41
C SER B 217 -1.00 -3.12 34.85
N LEU B 218 -1.82 -3.62 33.93
CA LEU B 218 -2.73 -4.72 34.25
C LEU B 218 -1.95 -5.98 34.64
N LEU B 219 -0.83 -6.23 33.98
CA LEU B 219 -0.02 -7.41 34.30
C LEU B 219 0.54 -7.32 35.71
N ALA B 220 0.99 -6.14 36.13
CA ALA B 220 1.59 -6.01 37.45
C ALA B 220 0.57 -6.20 38.57
N SER B 221 -0.71 -5.96 38.29
CA SER B 221 -1.72 -6.04 39.34
C SER B 221 -2.24 -7.47 39.49
N GLN B 222 -2.81 -8.02 38.42
CA GLN B 222 -3.47 -9.32 38.50
C GLN B 222 -2.52 -10.50 38.40
N GLY B 223 -1.28 -10.29 37.97
CA GLY B 223 -0.37 -11.39 37.77
C GLY B 223 -0.55 -12.05 36.42
N ARG B 224 0.48 -12.80 36.02
CA ARG B 224 0.49 -13.39 34.67
C ARG B 224 -0.66 -14.39 34.50
N ALA B 225 -0.92 -15.20 35.53
CA ALA B 225 -1.94 -16.24 35.40
C ALA B 225 -3.32 -15.66 35.21
N GLN B 226 -3.65 -14.58 35.93
CA GLN B 226 -5.00 -14.03 35.87
C GLN B 226 -5.27 -13.34 34.55
N LEU B 227 -4.26 -12.74 33.93
CA LEU B 227 -4.46 -12.05 32.66
C LEU B 227 -4.94 -13.01 31.57
N VAL B 228 -4.36 -14.21 31.52
CA VAL B 228 -4.72 -15.16 30.46
C VAL B 228 -6.20 -15.49 30.51
N ALA B 229 -6.73 -15.75 31.70
CA ALA B 229 -8.15 -16.06 31.83
C ALA B 229 -9.01 -14.89 31.37
N SER B 230 -8.70 -13.69 31.84
CA SER B 230 -9.46 -12.51 31.43
C SER B 230 -9.27 -12.21 29.95
N LEU B 231 -8.02 -12.31 29.46
CA LEU B 231 -7.76 -12.05 28.06
C LEU B 231 -8.44 -13.07 27.17
N THR B 232 -8.42 -14.35 27.56
CA THR B 232 -9.13 -15.36 26.79
C THR B 232 -10.63 -15.11 26.80
N ARG B 233 -11.16 -14.66 27.94
CA ARG B 233 -12.60 -14.45 28.06
C ARG B 233 -13.10 -13.40 27.07
N PHE B 234 -12.35 -12.31 26.91
CA PHE B 234 -12.78 -11.26 25.99
C PHE B 234 -12.40 -11.57 24.55
N TRP B 235 -11.13 -11.90 24.31
CA TRP B 235 -10.65 -12.04 22.94
C TRP B 235 -11.37 -13.19 22.22
N ASP B 236 -11.60 -14.30 22.89
CA ASP B 236 -12.37 -15.38 22.28
C ASP B 236 -13.77 -14.90 21.89
N HIS B 237 -14.32 -13.94 22.63
CA HIS B 237 -15.61 -13.38 22.27
C HIS B 237 -15.51 -12.54 21.01
N PHE B 238 -14.52 -11.65 20.95
CA PHE B 238 -14.42 -10.73 19.81
C PHE B 238 -14.08 -11.48 18.52
N LEU B 239 -13.05 -12.31 18.56
CA LEU B 239 -12.67 -13.07 17.36
C LEU B 239 -13.73 -14.08 16.96
N ALA B 240 -14.66 -14.42 17.85
CA ALA B 240 -15.75 -15.30 17.47
C ALA B 240 -16.63 -14.70 16.38
N THR B 241 -16.62 -13.37 16.23
CA THR B 241 -17.45 -12.73 15.22
C THR B 241 -16.73 -11.60 14.49
N TRP B 242 -15.40 -11.51 14.61
CA TRP B 242 -14.65 -10.48 13.90
C TRP B 242 -14.55 -10.90 12.43
N ASN B 243 -15.56 -10.52 11.66
CA ASN B 243 -15.60 -10.86 10.24
C ASN B 243 -14.49 -10.12 9.51
N VAL B 244 -13.52 -10.87 8.99
CA VAL B 244 -12.39 -10.25 8.27
C VAL B 244 -12.83 -10.13 6.82
N LEU B 245 -13.61 -9.08 6.55
CA LEU B 245 -14.13 -8.78 5.23
C LEU B 245 -14.52 -7.31 5.22
N LEU B 246 -14.72 -6.77 4.02
CA LEU B 246 -15.13 -5.38 3.91
C LEU B 246 -16.60 -5.24 4.31
N HIS B 247 -16.86 -5.17 5.60
CA HIS B 247 -18.21 -5.05 6.13
C HIS B 247 -18.31 -3.82 7.01
N GLY B 248 -19.49 -3.22 7.04
CA GLY B 248 -19.69 -2.01 7.81
C GLY B 248 -19.23 -0.78 7.06
N ASN B 249 -18.53 0.12 7.74
CA ASN B 249 -18.04 1.37 7.15
C ASN B 249 -16.53 1.42 7.34
N PRO B 250 -15.76 0.80 6.43
CA PRO B 250 -14.29 0.83 6.58
C PRO B 250 -13.70 2.22 6.56
N ALA B 251 -14.29 3.14 5.81
CA ALA B 251 -13.75 4.49 5.73
C ALA B 251 -13.73 5.15 7.11
N CYS B 252 -14.80 4.97 7.88
CA CYS B 252 -14.82 5.45 9.26
C CYS B 252 -13.97 4.58 10.18
N ASP B 253 -13.85 3.29 9.86
CA ASP B 253 -13.12 2.38 10.75
C ASP B 253 -11.62 2.61 10.68
N VAL B 254 -11.11 3.13 9.57
CA VAL B 254 -9.68 3.40 9.46
C VAL B 254 -9.25 4.42 10.52
N PHE B 255 -10.01 5.50 10.65
CA PHE B 255 -9.81 6.44 11.73
C PHE B 255 -10.40 5.87 13.02
N GLY B 256 -9.89 6.36 14.15
CA GLY B 256 -10.54 6.05 15.40
C GLY B 256 -11.87 6.75 15.46
N GLY B 257 -11.84 8.07 15.63
CA GLY B 257 -13.01 8.90 15.45
C GLY B 257 -14.14 8.69 16.45
N ILE B 258 -15.03 9.68 16.53
CA ILE B 258 -16.28 9.56 17.27
C ILE B 258 -17.40 9.75 16.26
N LYS B 259 -18.26 8.76 16.14
CA LYS B 259 -19.35 8.85 15.17
C LYS B 259 -20.32 9.95 15.59
N LEU B 260 -20.67 10.82 14.65
CA LEU B 260 -21.61 11.91 14.88
C LEU B 260 -22.79 11.74 13.96
N ALA B 261 -23.99 11.94 14.50
CA ALA B 261 -25.22 11.67 13.76
C ALA B 261 -25.46 12.77 12.73
N ALA B 262 -26.62 12.71 12.08
CA ALA B 262 -26.99 13.74 11.10
C ALA B 262 -26.97 15.12 11.74
N SER B 263 -27.57 15.25 12.92
CA SER B 263 -27.46 16.50 13.67
C SER B 263 -26.05 16.72 14.18
N GLY B 264 -25.31 15.65 14.43
CA GLY B 264 -24.00 15.80 15.01
C GLY B 264 -24.08 16.37 16.41
N GLU B 265 -23.05 17.14 16.78
CA GLU B 265 -23.02 17.75 18.09
C GLU B 265 -24.16 18.75 18.24
N LEU B 266 -24.76 18.80 19.42
CA LEU B 266 -25.94 19.62 19.63
C LEU B 266 -25.60 21.11 19.51
N GLY B 267 -26.63 21.93 19.39
CA GLY B 267 -26.47 23.36 19.32
C GLY B 267 -25.85 23.93 20.59
N ILE B 268 -24.70 24.56 20.46
CA ILE B 268 -23.94 25.04 21.61
C ILE B 268 -24.42 26.44 21.99
N GLY B 269 -24.29 26.77 23.27
CA GLY B 269 -24.58 28.09 23.74
C GLY B 269 -26.05 28.28 24.11
N VAL B 270 -26.30 29.34 24.88
CA VAL B 270 -27.64 29.72 25.29
C VAL B 270 -27.90 31.13 24.79
N GLY B 271 -29.04 31.32 24.13
CA GLY B 271 -29.38 32.61 23.56
C GLY B 271 -30.03 32.47 22.19
N GLU B 272 -30.01 31.24 21.67
CA GLU B 272 -30.65 30.91 20.40
C GLU B 272 -31.47 29.65 20.56
N GLU B 273 -32.61 29.58 19.86
CA GLU B 273 -33.44 28.40 19.93
C GLU B 273 -32.95 27.33 18.97
N GLU B 274 -33.00 27.62 17.67
CA GLU B 274 -32.54 26.73 16.59
C GLU B 274 -33.15 25.35 16.83
N ARG B 275 -32.38 24.27 16.73
CA ARG B 275 -32.88 22.92 17.00
C ARG B 275 -31.83 22.18 17.80
N GLY B 276 -32.25 21.59 18.92
CA GLY B 276 -31.33 20.86 19.78
C GLY B 276 -30.25 21.75 20.38
N SER B 277 -30.63 22.90 20.90
CA SER B 277 -29.70 23.85 21.51
C SER B 277 -29.85 23.95 23.02
N GLY B 278 -31.05 24.21 23.51
CA GLY B 278 -31.26 24.29 24.95
C GLY B 278 -31.28 22.96 25.66
N GLU B 279 -31.35 21.86 24.92
CA GLU B 279 -31.33 20.54 25.53
C GLU B 279 -29.95 20.13 26.03
N ARG B 280 -28.91 20.90 25.69
CA ARG B 280 -27.63 20.66 26.33
C ARG B 280 -27.61 21.19 27.76
N GLU B 281 -28.33 22.29 28.02
CA GLU B 281 -28.33 22.88 29.34
C GLU B 281 -28.89 21.93 30.39
N VAL B 282 -29.96 21.21 30.04
CA VAL B 282 -30.50 20.21 30.96
C VAL B 282 -29.49 19.07 31.13
N LEU B 283 -28.84 18.65 30.04
CA LEU B 283 -27.80 17.64 30.16
C LEU B 283 -26.59 18.17 30.92
N GLU B 284 -26.09 19.35 30.52
CA GLU B 284 -25.00 19.96 31.27
C GLU B 284 -25.44 20.34 32.68
N GLY B 285 -26.74 20.52 32.91
CA GLY B 285 -27.24 20.65 34.26
C GLY B 285 -27.53 19.32 34.93
N LEU B 286 -27.71 18.26 34.15
CA LEU B 286 -27.94 16.94 34.74
C LEU B 286 -26.72 16.49 35.53
N VAL B 287 -25.52 16.71 34.98
CA VAL B 287 -24.29 16.29 35.66
C VAL B 287 -24.05 17.05 36.95
N GLU B 288 -24.89 18.03 37.27
CA GLU B 288 -24.77 18.80 38.50
C GLU B 288 -25.79 18.37 39.55
N ARG B 289 -27.06 18.22 39.18
CA ARG B 289 -28.10 17.93 40.15
C ARG B 289 -27.96 16.53 40.74
N VAL B 290 -27.79 15.53 39.88
CA VAL B 290 -27.66 14.16 40.38
C VAL B 290 -26.28 13.97 40.99
N GLU B 291 -26.21 13.12 42.02
CA GLU B 291 -24.98 12.97 42.78
C GLU B 291 -23.99 12.09 42.03
N GLY B 292 -22.74 12.55 41.98
CA GLY B 292 -21.65 11.73 41.47
C GLY B 292 -21.76 11.35 40.01
N LEU B 293 -22.17 12.28 39.15
CA LEU B 293 -22.22 12.07 37.72
C LEU B 293 -21.12 12.90 37.08
N VAL B 294 -20.21 12.24 36.36
CA VAL B 294 -19.04 12.89 35.79
C VAL B 294 -19.27 13.27 34.33
N ASP B 295 -19.95 12.42 33.55
CA ASP B 295 -20.20 12.70 32.15
C ASP B 295 -21.18 11.65 31.61
N VAL B 296 -22.00 12.07 30.66
CA VAL B 296 -22.93 11.19 29.97
C VAL B 296 -22.79 11.40 28.46
N VAL B 297 -23.14 10.36 27.71
CA VAL B 297 -23.14 10.41 26.25
C VAL B 297 -24.39 9.70 25.74
N VAL B 298 -24.89 10.16 24.59
CA VAL B 298 -26.10 9.62 23.99
C VAL B 298 -25.86 9.42 22.49
N GLY B 299 -26.73 8.62 21.88
CA GLY B 299 -26.57 8.30 20.48
C GLY B 299 -27.77 7.62 19.85
N ARG B 300 -28.17 8.09 18.67
CA ARG B 300 -29.42 7.65 18.03
C ARG B 300 -29.14 6.46 17.11
N TYR B 301 -28.79 5.32 17.73
CA TYR B 301 -28.63 4.10 16.96
C TYR B 301 -29.93 3.64 16.34
N GLY B 302 -31.03 3.70 17.09
CA GLY B 302 -32.32 3.27 16.60
C GLY B 302 -33.19 4.43 16.12
N GLY B 303 -34.34 4.06 15.57
CA GLY B 303 -35.31 5.03 15.14
C GLY B 303 -36.31 5.33 16.23
N PRO B 304 -37.37 6.05 15.89
CA PRO B 304 -38.43 6.31 16.87
C PRO B 304 -39.15 5.03 17.22
N PRO B 305 -39.85 4.99 18.37
CA PRO B 305 -40.55 3.76 18.76
C PRO B 305 -41.52 3.27 17.69
N SER B 306 -41.23 2.10 17.13
CA SER B 306 -42.02 1.55 16.05
C SER B 306 -43.33 1.01 16.60
N GLU B 307 -44.45 1.54 16.10
CA GLU B 307 -45.79 1.10 16.51
C GLU B 307 -46.42 0.18 15.47
N LYS B 308 -45.60 -0.64 14.80
CA LYS B 308 -46.10 -1.56 13.80
C LYS B 308 -46.68 -2.80 14.47
N GLY B 309 -46.91 -3.85 13.68
CA GLY B 309 -47.46 -5.10 14.17
C GLY B 309 -46.70 -5.66 15.35
N PRO B 310 -45.46 -6.10 15.12
CA PRO B 310 -44.62 -6.56 16.24
C PRO B 310 -44.39 -5.42 17.23
N GLU B 311 -44.36 -5.79 18.52
CA GLU B 311 -44.32 -4.81 19.59
C GLU B 311 -42.92 -4.34 19.94
N GLU B 312 -41.95 -5.26 19.98
CA GLU B 312 -40.61 -4.93 20.45
C GLU B 312 -39.63 -4.60 19.35
N GLU B 313 -39.79 -5.20 18.17
CA GLU B 313 -38.91 -4.99 17.01
C GLU B 313 -37.52 -5.55 17.23
N GLN B 314 -37.24 -6.04 18.44
CA GLN B 314 -35.94 -6.57 18.82
C GLN B 314 -34.83 -5.61 18.39
N TRP B 315 -34.85 -4.42 18.98
CA TRP B 315 -33.92 -3.37 18.54
C TRP B 315 -32.47 -3.77 18.81
N LEU B 316 -32.19 -4.32 19.98
CA LEU B 316 -30.86 -4.89 20.23
C LEU B 316 -30.79 -6.28 19.65
N GLY B 317 -29.83 -6.52 18.76
CA GLY B 317 -29.70 -7.81 18.12
C GLY B 317 -28.68 -7.74 16.99
N LEU B 318 -28.70 -8.78 16.16
CA LEU B 318 -27.73 -8.89 15.09
C LEU B 318 -27.88 -7.76 14.09
N GLY B 319 -26.77 -7.39 13.45
CA GLY B 319 -26.73 -6.35 12.46
C GLY B 319 -25.46 -5.54 12.59
N GLY B 320 -25.45 -4.40 11.91
CA GLY B 320 -24.30 -3.51 11.96
C GLY B 320 -24.74 -2.06 12.05
N GLU B 321 -23.84 -1.24 12.58
CA GLU B 321 -24.12 0.18 12.72
C GLU B 321 -24.26 0.84 11.35
N VAL B 322 -25.16 1.83 11.28
CA VAL B 322 -25.51 2.49 10.03
C VAL B 322 -24.92 3.90 10.03
N GLY B 323 -24.16 4.22 8.98
CA GLY B 323 -23.54 5.52 8.90
C GLY B 323 -24.55 6.64 8.74
N GLU B 324 -24.15 7.83 9.18
CA GLU B 324 -24.96 9.04 9.11
C GLU B 324 -26.22 8.95 9.96
N GLU B 325 -26.38 7.84 10.66
CA GLU B 325 -27.52 7.63 11.53
C GLU B 325 -27.14 7.23 12.95
N ASP B 326 -26.10 6.41 13.10
CA ASP B 326 -25.72 5.88 14.39
C ASP B 326 -24.81 6.81 15.17
N GLY B 327 -24.47 7.97 14.62
CA GLY B 327 -23.45 8.79 15.25
C GLY B 327 -23.84 9.22 16.65
N ALA B 328 -22.88 9.10 17.57
CA ALA B 328 -23.10 9.55 18.93
C ALA B 328 -23.24 11.07 18.98
N VAL B 329 -24.09 11.53 19.89
CA VAL B 329 -24.35 12.95 20.07
C VAL B 329 -24.16 13.29 21.54
N PHE B 330 -23.95 14.58 21.82
CA PHE B 330 -23.57 15.04 23.14
C PHE B 330 -22.27 14.36 23.60
N LEU B 331 -21.20 14.73 22.88
CA LEU B 331 -19.91 14.05 23.03
C LEU B 331 -19.45 14.04 24.49
N GLY B 332 -19.79 15.07 25.24
CA GLY B 332 -19.47 15.09 26.66
C GLY B 332 -19.45 16.50 27.19
N VAL B 333 -19.03 16.61 28.46
CA VAL B 333 -18.88 17.88 29.15
C VAL B 333 -17.45 18.08 29.64
N GLY B 334 -16.90 17.07 30.30
CA GLY B 334 -15.55 17.16 30.81
C GLY B 334 -15.20 15.92 31.62
N ALA B 335 -14.06 16.01 32.31
CA ALA B 335 -13.57 14.96 33.19
C ALA B 335 -13.25 13.67 32.45
N LEU B 336 -13.37 13.69 31.12
CA LEU B 336 -12.99 12.56 30.28
C LEU B 336 -12.04 13.05 29.20
N ASP B 337 -10.84 12.48 29.15
CA ASP B 337 -9.91 12.81 28.09
C ASP B 337 -10.46 12.34 26.75
N ARG B 338 -10.13 13.10 25.70
CA ARG B 338 -10.62 12.76 24.37
C ARG B 338 -10.11 11.40 23.92
N LYS B 339 -8.93 11.00 24.38
CA LYS B 339 -8.40 9.68 24.02
C LYS B 339 -9.28 8.58 24.60
N SER B 340 -9.64 8.68 25.87
CA SER B 340 -10.48 7.68 26.52
C SER B 340 -11.96 7.94 26.34
N LEU B 341 -12.35 9.11 25.81
CA LEU B 341 -13.74 9.32 25.44
C LEU B 341 -14.12 8.54 24.20
N ARG B 342 -13.13 8.14 23.38
CA ARG B 342 -13.41 7.27 22.26
C ARG B 342 -13.82 5.87 22.72
N GLY B 343 -13.21 5.39 23.80
CA GLY B 343 -13.50 4.04 24.25
C GLY B 343 -14.93 3.86 24.70
N VAL B 344 -15.44 4.80 25.49
CA VAL B 344 -16.79 4.66 26.04
C VAL B 344 -17.81 4.69 24.92
N VAL B 345 -17.58 5.52 23.90
CA VAL B 345 -18.47 5.53 22.75
C VAL B 345 -18.40 4.20 22.02
N GLN B 346 -17.19 3.67 21.84
CA GLN B 346 -17.03 2.40 21.14
C GLN B 346 -17.68 1.25 21.90
N TRP B 347 -17.55 1.23 23.22
CA TRP B 347 -18.28 0.24 24.02
C TRP B 347 -19.77 0.49 23.95
N MET B 348 -20.17 1.76 23.94
CA MET B 348 -21.58 2.08 23.78
C MET B 348 -22.09 1.64 22.41
N GLU B 349 -21.21 1.61 21.40
CA GLU B 349 -21.59 1.04 20.11
C GLU B 349 -21.91 -0.44 20.23
N GLU B 350 -21.18 -1.16 21.08
CA GLU B 350 -21.30 -2.61 21.14
C GLU B 350 -22.68 -3.06 21.59
N VAL B 351 -23.27 -2.37 22.57
CA VAL B 351 -24.54 -2.83 23.11
C VAL B 351 -25.63 -2.78 22.04
N TYR B 352 -25.59 -1.77 21.16
CA TYR B 352 -26.54 -1.73 20.07
C TYR B 352 -26.25 -2.81 19.04
N VAL B 353 -24.98 -2.94 18.62
CA VAL B 353 -24.63 -3.91 17.58
C VAL B 353 -24.78 -5.32 18.12
N TRP B 354 -24.26 -5.57 19.31
CA TRP B 354 -24.38 -6.88 19.96
C TRP B 354 -25.30 -6.74 21.17
N GLY B 355 -26.60 -6.86 20.92
CA GLY B 355 -27.56 -6.68 21.98
C GLY B 355 -27.50 -7.81 22.99
N GLU B 356 -27.38 -7.42 24.27
CA GLU B 356 -27.47 -8.34 25.40
C GLU B 356 -26.27 -9.28 25.44
N ASN B 357 -25.42 -9.23 24.41
CA ASN B 357 -24.22 -10.06 24.33
C ASN B 357 -23.01 -9.15 24.14
N ALA B 358 -22.50 -8.64 25.25
CA ALA B 358 -21.28 -7.86 25.29
C ALA B 358 -20.51 -8.23 26.55
N PHE B 359 -19.23 -7.87 26.59
CA PHE B 359 -18.44 -8.19 27.77
C PHE B 359 -19.03 -7.53 29.00
N GLY B 360 -19.34 -8.35 30.00
CA GLY B 360 -20.15 -7.93 31.13
C GLY B 360 -21.59 -8.41 31.06
N LYS B 361 -22.03 -8.88 29.90
CA LYS B 361 -23.36 -9.45 29.70
C LYS B 361 -24.47 -8.54 30.23
N PRO B 362 -24.75 -7.43 29.56
CA PRO B 362 -25.84 -6.55 29.99
C PRO B 362 -27.19 -7.24 29.84
N ARG B 363 -27.89 -7.39 30.97
CA ARG B 363 -29.22 -7.98 30.99
C ARG B 363 -30.21 -6.90 31.42
N ARG B 364 -31.22 -6.66 30.59
CA ARG B 364 -32.14 -5.55 30.85
C ARG B 364 -33.03 -5.86 32.04
N ASP B 365 -33.32 -4.82 32.82
CA ASP B 365 -34.11 -4.93 34.05
C ASP B 365 -35.59 -5.00 33.71
N LEU B 366 -36.28 -5.98 34.29
CA LEU B 366 -37.70 -6.14 34.03
C LEU B 366 -38.53 -5.11 34.78
N SER B 367 -38.04 -4.64 35.94
CA SER B 367 -38.79 -3.67 36.72
C SER B 367 -38.98 -2.37 35.94
N THR B 368 -37.89 -1.86 35.36
CA THR B 368 -37.94 -0.68 34.50
C THR B 368 -37.45 -1.10 33.12
N GLY B 369 -38.38 -1.24 32.18
CA GLY B 369 -38.02 -1.70 30.85
C GLY B 369 -37.05 -0.77 30.15
N HIS B 370 -37.18 0.54 30.38
CA HIS B 370 -36.31 1.53 29.76
C HIS B 370 -35.06 1.72 30.62
N PHE B 371 -34.38 0.60 30.90
CA PHE B 371 -33.14 0.67 31.65
C PHE B 371 -32.34 -0.60 31.41
N LEU B 372 -31.04 -0.52 31.70
CA LEU B 372 -30.13 -1.63 31.45
C LEU B 372 -28.96 -1.51 32.43
N LEU B 373 -28.35 -2.65 32.73
CA LEU B 373 -27.29 -2.77 33.75
C LEU B 373 -27.85 -2.21 35.06
N GLY B 374 -27.14 -1.31 35.73
CA GLY B 374 -27.64 -0.75 36.97
C GLY B 374 -26.78 -1.09 38.17
N LEU B 375 -26.53 -0.10 39.02
CA LEU B 375 -25.72 -0.32 40.21
C LEU B 375 -26.45 -1.25 41.19
N SER B 376 -25.79 -2.34 41.56
CA SER B 376 -26.37 -3.29 42.49
C SER B 376 -25.29 -4.18 43.09
N PRO B 390 -19.71 -4.61 40.50
CA PRO B 390 -19.00 -5.63 39.72
C PRO B 390 -18.43 -5.06 38.43
N LYS B 391 -19.30 -4.67 37.51
CA LYS B 391 -18.86 -4.06 36.27
C LYS B 391 -18.23 -2.69 36.54
N ALA B 392 -17.28 -2.32 35.70
CA ALA B 392 -16.59 -1.05 35.88
C ALA B 392 -16.02 -0.60 34.55
N ILE B 393 -15.68 0.68 34.47
CA ILE B 393 -15.05 1.29 33.30
C ILE B 393 -13.81 2.02 33.78
N PHE B 394 -12.67 1.77 33.13
CA PHE B 394 -11.38 2.29 33.56
C PHE B 394 -11.02 3.50 32.70
N VAL B 395 -11.17 4.69 33.28
CA VAL B 395 -10.74 5.94 32.64
C VAL B 395 -9.91 6.69 33.67
N GLU B 396 -9.45 5.96 34.69
CA GLU B 396 -8.73 6.54 35.83
C GLU B 396 -9.61 7.55 36.56
N ARG B 430 -12.05 4.85 36.53
CA ARG B 430 -12.80 4.07 37.51
C ARG B 430 -14.20 4.63 37.69
N LEU B 431 -15.03 4.52 36.65
CA LEU B 431 -16.40 5.03 36.68
C LEU B 431 -17.36 3.86 36.51
N ARG B 432 -18.20 3.65 37.51
CA ARG B 432 -19.20 2.60 37.43
C ARG B 432 -20.29 3.01 36.45
N PRO B 433 -20.54 2.24 35.40
CA PRO B 433 -21.52 2.66 34.40
C PRO B 433 -22.91 2.09 34.65
N VAL B 434 -23.93 2.86 34.26
CA VAL B 434 -25.30 2.37 34.16
C VAL B 434 -25.82 2.76 32.80
N ILE B 435 -26.79 1.99 32.31
CA ILE B 435 -27.25 2.10 30.93
C ILE B 435 -28.73 2.47 30.98
N TYR B 436 -29.07 3.63 30.44
CA TYR B 436 -30.46 4.04 30.28
C TYR B 436 -30.81 3.91 28.80
N VAL B 437 -31.85 3.14 28.50
CA VAL B 437 -32.16 2.75 27.13
C VAL B 437 -33.54 3.24 26.75
N SER B 438 -33.60 4.13 25.77
CA SER B 438 -34.79 4.34 24.95
C SER B 438 -34.55 3.66 23.62
N GLN B 439 -35.62 3.58 22.80
CA GLN B 439 -35.44 2.96 21.49
C GLN B 439 -34.39 3.70 20.66
N PRO B 440 -34.37 5.03 20.59
CA PRO B 440 -33.13 5.72 20.24
C PRO B 440 -32.39 6.17 21.49
N PHE B 441 -31.26 6.85 21.33
CA PHE B 441 -30.61 7.58 22.41
C PHE B 441 -30.20 6.66 23.56
N ILE B 442 -29.24 5.78 23.27
CA ILE B 442 -28.61 5.00 24.34
C ILE B 442 -27.86 5.95 25.26
N TYR B 443 -28.20 5.92 26.55
CA TYR B 443 -27.56 6.78 27.54
C TYR B 443 -26.48 6.00 28.27
N ILE B 444 -25.26 6.56 28.29
CA ILE B 444 -24.17 5.98 29.07
C ILE B 444 -23.93 6.88 30.26
N LEU B 445 -24.58 6.60 31.38
CA LEU B 445 -24.45 7.44 32.57
C LEU B 445 -23.25 6.93 33.38
N LEU B 446 -22.16 7.69 33.35
CA LEU B 446 -20.92 7.31 34.03
C LEU B 446 -20.96 7.88 35.44
N PHE B 447 -21.13 7.01 36.43
CA PHE B 447 -21.16 7.42 37.83
C PHE B 447 -19.82 7.14 38.51
N SER B 448 -19.52 7.94 39.52
CA SER B 448 -18.24 7.88 40.18
C SER B 448 -18.07 6.55 40.92
N GLU B 449 -16.87 6.35 41.47
CA GLU B 449 -16.55 5.08 42.09
C GLU B 449 -17.29 4.87 43.41
N ILE B 450 -17.36 5.92 44.23
CA ILE B 450 -17.83 5.79 45.61
C ILE B 450 -19.12 6.57 45.85
N THR B 451 -19.22 7.79 45.29
CA THR B 451 -20.26 8.71 45.72
C THR B 451 -21.68 8.19 45.54
N PRO B 452 -22.07 7.51 44.46
CA PRO B 452 -23.43 6.95 44.42
C PRO B 452 -23.50 5.72 45.32
N SER B 453 -24.38 5.77 46.31
CA SER B 453 -24.53 4.64 47.22
C SER B 453 -25.36 3.55 46.55
N PRO B 454 -24.84 2.33 46.43
CA PRO B 454 -25.63 1.24 45.82
C PRO B 454 -26.89 0.89 46.59
N SER B 455 -26.95 1.20 47.89
CA SER B 455 -28.13 0.85 48.68
C SER B 455 -29.35 1.62 48.21
N THR B 456 -29.19 2.91 47.90
CA THR B 456 -30.30 3.75 47.47
C THR B 456 -30.50 3.72 45.96
N TRP B 457 -30.11 2.62 45.31
CA TRP B 457 -30.23 2.53 43.85
C TRP B 457 -31.66 2.68 43.34
N PRO B 458 -32.67 1.99 43.86
CA PRO B 458 -34.00 2.09 43.25
C PRO B 458 -34.58 3.49 43.25
N THR B 459 -34.29 4.30 44.27
CA THR B 459 -34.76 5.68 44.27
C THR B 459 -34.16 6.47 43.12
N LEU B 460 -32.86 6.29 42.86
CA LEU B 460 -32.23 7.01 41.77
C LEU B 460 -32.73 6.54 40.42
N ALA B 461 -33.04 5.25 40.29
CA ALA B 461 -33.54 4.74 39.02
C ALA B 461 -34.87 5.40 38.64
N GLU B 462 -35.77 5.54 39.60
CA GLU B 462 -37.05 6.20 39.32
C GLU B 462 -36.84 7.67 38.97
N SER B 463 -35.95 8.35 39.71
CA SER B 463 -35.66 9.75 39.40
C SER B 463 -35.03 9.88 38.02
N LEU B 464 -34.08 9.01 37.70
CA LEU B 464 -33.42 9.08 36.39
C LEU B 464 -34.42 8.83 35.27
N HIS B 465 -35.30 7.84 35.44
CA HIS B 465 -36.34 7.61 34.44
C HIS B 465 -37.29 8.80 34.36
N ALA B 466 -37.44 9.54 35.45
CA ALA B 466 -38.27 10.74 35.47
C ALA B 466 -37.52 11.97 35.02
N GLN B 467 -36.25 12.10 35.41
CA GLN B 467 -35.46 13.24 34.97
C GLN B 467 -35.23 13.21 33.47
N LEU B 468 -35.01 12.03 32.91
CA LEU B 468 -34.77 11.87 31.48
C LEU B 468 -36.05 11.55 30.71
N SER B 469 -37.20 11.52 31.37
CA SER B 469 -38.46 11.32 30.66
C SER B 469 -38.77 12.44 29.66
N PRO B 470 -38.66 13.73 29.99
CA PRO B 470 -39.01 14.77 29.02
C PRO B 470 -37.95 15.02 27.95
N LEU B 471 -36.90 14.19 27.89
CA LEU B 471 -35.85 14.34 26.89
C LEU B 471 -35.93 13.26 25.83
N GLN B 472 -37.12 12.73 25.58
CA GLN B 472 -37.32 11.69 24.57
C GLN B 472 -37.94 12.26 23.30
N LYS B 473 -39.07 12.95 23.42
CA LYS B 473 -39.75 13.51 22.26
C LYS B 473 -39.07 14.78 21.74
N PRO B 474 -38.80 15.79 22.59
CA PRO B 474 -38.11 16.98 22.06
C PRO B 474 -36.74 16.67 21.49
N LEU B 475 -36.02 15.70 22.09
CA LEU B 475 -34.70 15.36 21.59
C LEU B 475 -34.78 14.57 20.29
N LEU B 476 -35.89 13.87 20.05
CA LEU B 476 -36.00 13.05 18.86
C LEU B 476 -36.02 13.90 17.59
N HIS B 477 -36.87 14.95 17.57
CA HIS B 477 -36.87 15.84 16.42
C HIS B 477 -35.61 16.70 16.38
N SER B 478 -35.03 17.01 17.54
CA SER B 478 -33.83 17.84 17.57
C SER B 478 -32.67 17.15 16.87
N THR B 479 -32.48 15.85 17.13
CA THR B 479 -31.42 15.10 16.46
C THR B 479 -31.79 14.78 15.01
N SER B 480 -33.07 14.89 14.65
CA SER B 480 -33.47 14.73 13.26
C SER B 480 -33.03 15.91 12.38
N TYR B 481 -32.52 16.98 12.99
CA TYR B 481 -32.01 18.11 12.24
C TYR B 481 -30.83 17.70 11.37
N ARG B 482 -30.74 18.32 10.19
CA ARG B 482 -29.63 18.09 9.27
C ARG B 482 -29.04 19.41 8.84
N PRO B 483 -27.73 19.46 8.56
CA PRO B 483 -27.08 20.70 8.12
C PRO B 483 -27.27 20.96 6.64
N GLN B 499 -21.45 16.27 -9.93
CA GLN B 499 -22.03 16.83 -8.72
C GLN B 499 -23.42 16.26 -8.45
N HIS B 500 -23.72 15.13 -9.09
CA HIS B 500 -25.02 14.51 -8.90
C HIS B 500 -25.22 14.06 -7.46
N GLN B 501 -24.20 13.45 -6.86
CA GLN B 501 -24.25 13.02 -5.46
C GLN B 501 -22.89 13.29 -4.83
N ILE B 502 -22.90 13.84 -3.62
CA ILE B 502 -21.68 14.16 -2.90
C ILE B 502 -21.77 13.58 -1.49
N PHE B 503 -20.69 12.94 -1.04
CA PHE B 503 -20.57 12.41 0.31
C PHE B 503 -19.23 12.86 0.87
N ASP B 504 -19.27 13.59 1.98
CA ASP B 504 -18.07 14.13 2.60
C ASP B 504 -17.76 13.37 3.89
N LEU B 505 -16.63 13.73 4.50
CA LEU B 505 -16.20 13.13 5.75
C LEU B 505 -15.17 14.04 6.38
N VAL B 506 -15.44 14.50 7.60
CA VAL B 506 -14.57 15.43 8.30
C VAL B 506 -14.06 14.76 9.57
N TYR B 507 -12.74 14.70 9.71
CA TYR B 507 -12.10 14.15 10.90
C TYR B 507 -11.16 15.21 11.46
N ASP B 508 -11.34 15.56 12.73
CA ASP B 508 -10.54 16.57 13.40
C ASP B 508 -9.57 15.88 14.35
N THR B 509 -8.30 16.28 14.27
CA THR B 509 -7.25 15.56 15.00
C THR B 509 -7.36 15.78 16.51
N GLU B 510 -7.54 17.03 16.94
CA GLU B 510 -7.44 17.33 18.36
C GLU B 510 -8.68 16.89 19.14
N THR B 511 -9.86 16.98 18.51
CA THR B 511 -11.10 16.61 19.20
C THR B 511 -11.64 15.24 18.80
N LEU B 512 -11.01 14.58 17.83
CA LEU B 512 -11.31 13.21 17.42
C LEU B 512 -12.74 13.02 16.91
N THR B 513 -13.48 14.10 16.69
CA THR B 513 -14.82 13.98 16.14
C THR B 513 -14.76 13.53 14.68
N LEU B 514 -15.72 12.68 14.29
CA LEU B 514 -15.76 12.11 12.95
C LEU B 514 -17.12 12.42 12.34
N GLN B 515 -17.24 13.56 11.68
CA GLN B 515 -18.46 13.92 10.96
C GLN B 515 -18.47 13.15 9.65
N SER B 516 -19.32 12.13 9.57
CA SER B 516 -19.29 11.18 8.48
C SER B 516 -20.57 11.23 7.64
N THR B 517 -20.42 10.94 6.36
CA THR B 517 -21.55 10.83 5.45
C THR B 517 -21.44 9.63 4.51
N ILE B 518 -20.28 8.99 4.41
CA ILE B 518 -20.08 7.87 3.49
C ILE B 518 -20.95 6.70 3.93
N PRO B 519 -21.83 6.20 3.07
CA PRO B 519 -22.66 5.05 3.45
C PRO B 519 -21.84 3.79 3.63
N ASN B 520 -22.33 2.92 4.50
CA ASN B 520 -21.70 1.63 4.75
C ASN B 520 -22.15 0.62 3.69
N ILE B 521 -21.40 -0.47 3.58
CA ILE B 521 -21.73 -1.52 2.61
C ILE B 521 -23.00 -2.22 3.05
N PRO B 522 -24.03 -2.28 2.20
CA PRO B 522 -25.25 -3.02 2.57
C PRO B 522 -24.97 -4.51 2.70
N ASP B 523 -25.75 -5.15 3.57
CA ASP B 523 -25.61 -6.58 3.76
C ASP B 523 -26.11 -7.34 2.52
N PRO B 524 -25.58 -8.55 2.27
CA PRO B 524 -26.02 -9.36 1.14
C PRO B 524 -27.49 -9.74 1.22
N ILE B 546 -26.79 2.85 -0.20
CA ILE B 546 -27.62 3.26 -1.31
C ILE B 546 -27.21 2.56 -2.60
N TRP B 547 -25.98 2.03 -2.61
CA TRP B 547 -25.47 1.35 -3.79
C TRP B 547 -25.91 -0.12 -3.76
N THR B 548 -25.29 -0.93 -4.61
CA THR B 548 -25.35 -2.37 -4.53
C THR B 548 -24.15 -2.90 -3.75
N ARG B 549 -24.22 -4.17 -3.36
CA ARG B 549 -23.18 -4.76 -2.52
C ARG B 549 -21.84 -4.81 -3.24
N VAL B 550 -21.86 -5.23 -4.52
CA VAL B 550 -20.61 -5.48 -5.23
C VAL B 550 -19.84 -4.18 -5.47
N GLU B 551 -20.56 -3.08 -5.70
CA GLU B 551 -19.89 -1.82 -6.01
C GLU B 551 -19.08 -1.31 -4.81
N ALA B 552 -19.68 -1.32 -3.62
CA ALA B 552 -19.05 -0.69 -2.47
C ALA B 552 -17.78 -1.42 -2.03
N LEU B 553 -17.56 -2.64 -2.51
CA LEU B 553 -16.31 -3.33 -2.23
C LEU B 553 -15.13 -2.55 -2.82
N GLN B 554 -15.27 -2.08 -4.05
CA GLN B 554 -14.20 -1.31 -4.68
C GLN B 554 -14.13 0.10 -4.11
N THR B 555 -15.29 0.73 -3.88
CA THR B 555 -15.31 2.12 -3.43
C THR B 555 -14.64 2.28 -2.07
N HIS B 556 -14.93 1.37 -1.13
CA HIS B 556 -14.33 1.46 0.18
C HIS B 556 -12.91 0.91 0.22
N ALA B 557 -12.51 0.13 -0.78
CA ALA B 557 -11.12 -0.31 -0.86
C ALA B 557 -10.23 0.81 -1.37
N GLN B 558 -10.71 1.60 -2.33
CA GLN B 558 -9.92 2.70 -2.87
C GLN B 558 -9.87 3.88 -1.92
N ILE B 559 -10.93 4.10 -1.13
CA ILE B 559 -10.99 5.27 -0.26
C ILE B 559 -9.88 5.21 0.78
N LEU B 560 -9.69 4.05 1.40
CA LEU B 560 -8.64 3.89 2.40
C LEU B 560 -7.30 3.49 1.81
N ALA B 561 -7.26 3.14 0.52
CA ALA B 561 -5.98 2.83 -0.10
C ALA B 561 -5.11 4.07 -0.21
N ILE B 562 -5.71 5.20 -0.59
CA ILE B 562 -4.95 6.44 -0.73
C ILE B 562 -4.67 7.11 0.61
N LEU B 563 -5.45 6.77 1.65
CA LEU B 563 -5.15 7.31 2.98
C LEU B 563 -3.81 6.80 3.49
N SER B 564 -3.50 5.53 3.24
CA SER B 564 -2.21 4.99 3.65
C SER B 564 -1.06 5.62 2.88
N SER B 565 -1.32 6.07 1.64
CA SER B 565 -0.28 6.69 0.84
C SER B 565 0.14 8.04 1.42
N GLY B 566 -0.84 8.86 1.80
CA GLY B 566 -0.52 10.19 2.30
C GLY B 566 0.20 10.16 3.63
N ARG B 567 -0.27 9.33 4.56
CA ARG B 567 0.34 9.26 5.89
C ARG B 567 1.35 8.12 5.97
N GLU B 583 -0.99 22.07 1.58
CA GLU B 583 -1.99 21.51 0.66
C GLU B 583 -2.24 20.04 0.96
N GLY B 584 -1.52 19.16 0.25
CA GLY B 584 -1.70 17.74 0.41
C GLY B 584 -2.91 17.17 -0.31
N GLU B 585 -3.52 17.94 -1.20
CA GLU B 585 -4.72 17.48 -1.90
C GLU B 585 -4.40 16.28 -2.79
N ARG B 586 -5.32 15.33 -2.83
CA ARG B 586 -5.21 14.16 -3.70
C ARG B 586 -6.54 13.98 -4.43
N THR B 587 -6.50 13.18 -5.49
CA THR B 587 -7.68 12.94 -6.31
C THR B 587 -7.61 11.53 -6.87
N CYS B 588 -8.77 10.98 -7.22
CA CYS B 588 -8.87 9.67 -7.83
C CYS B 588 -10.00 9.67 -8.84
N LYS B 589 -10.21 8.52 -9.47
CA LYS B 589 -11.31 8.32 -10.41
C LYS B 589 -11.41 6.82 -10.64
N THR B 590 -12.53 6.39 -11.22
CA THR B 590 -12.74 4.99 -11.56
C THR B 590 -13.60 4.94 -12.82
N ALA B 591 -13.57 3.78 -13.49
CA ALA B 591 -14.22 3.67 -14.80
C ALA B 591 -15.70 3.96 -14.73
N ARG B 592 -16.40 3.42 -13.73
CA ARG B 592 -17.84 3.64 -13.63
C ARG B 592 -18.17 5.06 -13.17
N GLY B 593 -17.20 5.78 -12.62
CA GLY B 593 -17.40 7.18 -12.30
C GLY B 593 -17.37 7.50 -10.82
N TRP B 594 -16.23 8.02 -10.35
CA TRP B 594 -16.08 8.49 -8.98
C TRP B 594 -15.04 9.59 -8.95
N TRP B 595 -15.03 10.36 -7.87
CA TRP B 595 -14.07 11.45 -7.70
C TRP B 595 -13.80 11.59 -6.20
N ILE B 596 -12.76 10.91 -5.72
CA ILE B 596 -12.39 10.92 -4.32
C ILE B 596 -11.27 11.93 -4.13
N VAL B 597 -11.50 12.91 -3.27
CA VAL B 597 -10.55 13.99 -3.02
C VAL B 597 -10.25 14.03 -1.53
N TRP B 598 -8.98 13.88 -1.17
CA TRP B 598 -8.53 14.02 0.21
C TRP B 598 -7.81 15.35 0.34
N THR B 599 -8.28 16.20 1.26
CA THR B 599 -7.76 17.54 1.41
C THR B 599 -7.46 17.83 2.87
N ARG B 600 -6.33 18.47 3.13
CA ARG B 600 -5.92 18.88 4.46
C ARG B 600 -5.66 20.37 4.48
N VAL B 601 -6.08 21.03 5.56
CA VAL B 601 -5.87 22.46 5.71
C VAL B 601 -4.83 22.74 6.79
N CYS B 627 -6.29 24.62 12.57
CA CYS B 627 -6.77 23.28 12.85
C CYS B 627 -6.73 22.40 11.60
N SER B 628 -6.11 21.23 11.73
CA SER B 628 -5.99 20.31 10.61
C SER B 628 -7.32 19.58 10.41
N VAL B 629 -7.97 19.83 9.27
CA VAL B 629 -9.25 19.23 8.94
C VAL B 629 -9.07 18.37 7.70
N LEU B 630 -9.49 17.10 7.79
CA LEU B 630 -9.34 16.14 6.71
C LEU B 630 -10.69 15.99 6.01
N GLY B 631 -10.86 16.71 4.90
CA GLY B 631 -12.09 16.65 4.14
C GLY B 631 -11.97 15.68 2.99
N HIS B 632 -12.94 14.77 2.89
CA HIS B 632 -12.96 13.75 1.84
C HIS B 632 -14.14 14.04 0.92
N LEU B 633 -13.90 14.84 -0.10
CA LEU B 633 -14.95 15.27 -1.03
C LEU B 633 -15.25 14.17 -2.05
N ARG B 634 -15.61 13.01 -1.52
CA ARG B 634 -15.93 11.85 -2.35
C ARG B 634 -17.20 12.11 -3.13
N SER B 635 -17.09 12.13 -4.46
CA SER B 635 -18.20 12.35 -5.36
C SER B 635 -18.46 11.09 -6.18
N VAL B 636 -19.50 11.13 -7.01
CA VAL B 636 -19.86 9.99 -7.84
C VAL B 636 -20.69 10.49 -9.02
N SER B 637 -20.41 9.95 -10.20
CA SER B 637 -21.12 10.30 -11.43
C SER B 637 -21.22 11.81 -11.64
#